data_2MX4
#
_entry.id   2MX4
#
_entity_poly.entity_id   1
_entity_poly.type   'polypeptide(L)'
_entity_poly.pdbx_seq_one_letter_code
;PTRTVAISDAAQLPHDYCT(TPO)PGGTLFST(TPO)PGGTRIIYDRKFLLDR
;
_entity_poly.pdbx_strand_id   A
#
# COMPACT_ATOMS: atom_id res chain seq x y z
N PRO A 1 9.61 -10.07 6.10
CA PRO A 1 10.18 -8.72 6.16
C PRO A 1 9.13 -7.68 5.83
N THR A 2 9.36 -6.45 6.31
CA THR A 2 8.43 -5.35 6.07
C THR A 2 9.05 -4.29 5.16
N ARG A 3 8.32 -3.90 4.12
CA ARG A 3 8.80 -2.89 3.19
C ARG A 3 7.84 -1.71 3.12
N THR A 4 8.39 -0.50 3.25
CA THR A 4 7.58 0.72 3.20
C THR A 4 7.66 1.36 1.82
N VAL A 5 6.50 1.49 1.18
CA VAL A 5 6.43 2.13 -0.13
C VAL A 5 5.39 3.25 -0.15
N ALA A 6 5.80 4.41 -0.64
CA ALA A 6 4.89 5.55 -0.77
C ALA A 6 4.22 5.57 -2.14
N ILE A 7 2.96 5.97 -2.16
CA ILE A 7 2.21 6.11 -3.42
C ILE A 7 1.76 7.54 -3.64
N SER A 8 2.32 8.19 -4.66
CA SER A 8 2.04 9.59 -4.92
C SER A 8 1.36 9.78 -6.27
N ASP A 9 1.04 8.67 -6.92
CA ASP A 9 0.36 8.70 -8.21
C ASP A 9 -0.37 7.39 -8.49
N ALA A 10 -1.38 7.46 -9.36
CA ALA A 10 -2.12 6.27 -9.76
C ALA A 10 -1.23 5.30 -10.53
N ALA A 11 -0.19 5.83 -11.16
CA ALA A 11 0.82 5.01 -11.81
C ALA A 11 1.57 4.17 -10.79
N GLN A 12 1.71 4.70 -9.58
CA GLN A 12 2.43 4.00 -8.52
C GLN A 12 1.49 3.12 -7.71
N LEU A 13 0.19 3.44 -7.76
CA LEU A 13 -0.83 2.59 -7.15
C LEU A 13 -0.85 1.21 -7.79
N PRO A 14 -0.61 0.19 -6.99
CA PRO A 14 -0.66 -1.20 -7.47
C PRO A 14 -2.05 -1.54 -8.01
N HIS A 15 -2.14 -2.67 -8.70
CA HIS A 15 -3.41 -3.13 -9.25
C HIS A 15 -3.92 -4.36 -8.51
N ASP A 16 -3.17 -4.80 -7.52
CA ASP A 16 -3.50 -6.01 -6.76
C ASP A 16 -3.37 -5.78 -5.26
N TYR A 17 -3.28 -4.52 -4.87
CA TYR A 17 -3.15 -4.16 -3.46
C TYR A 17 -4.43 -4.47 -2.70
N CYS A 18 -4.32 -4.58 -1.38
CA CYS A 18 -5.49 -4.66 -0.52
C CYS A 18 -5.50 -3.53 0.51
N THR A 19 -6.66 -3.30 1.11
CA THR A 19 -6.83 -2.20 2.06
C THR A 19 -7.59 -2.66 3.30
N PRO A 21 -9.67 -1.98 7.03
CA PRO A 21 -10.77 -1.14 7.44
C PRO A 21 -10.27 0.24 7.87
N GLY A 22 -9.07 0.28 8.42
CA GLY A 22 -8.47 1.53 8.87
C GLY A 22 -8.14 2.45 7.70
N GLY A 23 -7.91 1.85 6.54
CA GLY A 23 -7.66 2.60 5.31
C GLY A 23 -6.18 2.60 4.95
N THR A 24 -5.49 1.53 5.30
CA THR A 24 -4.08 1.37 4.97
C THR A 24 -3.88 0.32 3.89
N LEU A 25 -3.13 0.66 2.85
CA LEU A 25 -2.88 -0.24 1.73
C LEU A 25 -1.72 -1.19 2.05
N PHE A 26 -1.83 -2.43 1.55
CA PHE A 26 -0.78 -3.41 1.74
C PHE A 26 -0.82 -4.46 0.64
N SER A 27 0.32 -5.08 0.38
CA SER A 27 0.39 -6.22 -0.54
C SER A 27 1.59 -7.12 -0.22
N THR A 28 1.37 -8.43 -0.32
CA THR A 28 2.43 -9.40 -0.04
C THR A 28 2.80 -10.16 -1.30
N PRO A 30 5.09 -13.10 -3.60
CA PRO A 30 5.32 -14.53 -3.48
C PRO A 30 6.57 -14.82 -2.66
N GLY A 31 7.51 -13.89 -2.67
CA GLY A 31 8.76 -14.04 -1.94
C GLY A 31 8.51 -14.07 -0.43
N GLY A 32 7.40 -13.46 -0.01
CA GLY A 32 7.01 -13.46 1.39
C GLY A 32 7.12 -12.06 2.00
N THR A 33 7.69 -11.14 1.23
CA THR A 33 7.86 -9.77 1.69
C THR A 33 6.50 -9.07 1.81
N ARG A 34 6.28 -8.44 2.96
CA ARG A 34 5.04 -7.70 3.19
C ARG A 34 5.24 -6.21 2.99
N ILE A 35 4.60 -5.66 1.95
CA ILE A 35 4.77 -4.26 1.60
C ILE A 35 3.62 -3.42 2.13
N ILE A 36 3.93 -2.47 2.99
CA ILE A 36 2.94 -1.53 3.49
C ILE A 36 2.99 -0.20 2.73
N TYR A 37 1.86 0.23 2.22
CA TYR A 37 1.80 1.39 1.33
C TYR A 37 1.29 2.61 2.05
N ASP A 38 1.94 3.76 1.80
CA ASP A 38 1.42 5.04 2.23
C ASP A 38 0.80 5.81 1.05
N ARG A 39 -0.51 5.77 0.94
CA ARG A 39 -1.21 6.32 -0.22
C ARG A 39 -1.35 7.83 -0.09
N LYS A 40 -0.36 8.56 -0.59
CA LYS A 40 -0.40 10.01 -0.58
C LYS A 40 -1.19 10.56 -1.76
N PHE A 41 -1.32 9.75 -2.81
CA PHE A 41 -2.12 10.11 -3.97
C PHE A 41 -3.54 10.50 -3.56
N LEU A 42 -4.21 9.60 -2.85
CA LEU A 42 -5.54 9.88 -2.34
C LEU A 42 -5.49 10.62 -1.01
N LEU A 43 -6.08 11.81 -0.98
CA LEU A 43 -6.15 12.60 0.25
C LEU A 43 -7.34 12.21 1.10
N ASP A 44 -8.47 11.97 0.46
CA ASP A 44 -9.68 11.55 1.16
C ASP A 44 -9.70 10.05 1.38
N ARG A 45 -8.83 9.58 2.27
CA ARG A 45 -8.77 8.15 2.59
C ARG A 45 -9.80 7.78 3.65
N PRO A 1 9.29 -10.04 6.53
CA PRO A 1 9.88 -8.73 6.26
C PRO A 1 8.82 -7.74 5.78
N THR A 2 9.03 -6.47 6.09
CA THR A 2 8.08 -5.42 5.72
C THR A 2 8.77 -4.29 4.98
N ARG A 3 8.21 -3.90 3.84
CA ARG A 3 8.76 -2.78 3.06
C ARG A 3 7.79 -1.60 3.07
N THR A 4 8.33 -0.42 3.38
CA THR A 4 7.52 0.80 3.37
C THR A 4 7.64 1.53 2.04
N VAL A 5 6.50 1.68 1.37
CA VAL A 5 6.47 2.36 0.07
C VAL A 5 5.53 3.56 0.10
N ALA A 6 6.05 4.72 -0.26
CA ALA A 6 5.24 5.93 -0.36
C ALA A 6 4.49 5.99 -1.70
N ILE A 7 3.25 6.46 -1.65
CA ILE A 7 2.41 6.52 -2.85
C ILE A 7 1.92 7.94 -3.10
N SER A 8 2.14 8.42 -4.32
CA SER A 8 1.75 9.78 -4.68
C SER A 8 0.48 9.78 -5.52
N ASP A 9 0.17 8.63 -6.10
CA ASP A 9 -0.99 8.50 -6.98
C ASP A 9 -1.42 7.04 -7.11
N ALA A 10 -2.67 6.84 -7.54
CA ALA A 10 -3.20 5.49 -7.70
C ALA A 10 -2.47 4.72 -8.79
N ALA A 11 -1.82 5.47 -9.69
CA ALA A 11 -1.00 4.86 -10.73
C ALA A 11 0.14 4.05 -10.13
N GLN A 12 0.53 4.39 -8.91
CA GLN A 12 1.66 3.75 -8.25
C GLN A 12 1.21 2.55 -7.42
N LEU A 13 -0.10 2.36 -7.34
CA LEU A 13 -0.67 1.28 -6.55
C LEU A 13 -0.76 0.00 -7.37
N PRO A 14 -0.66 -1.15 -6.70
CA PRO A 14 -0.84 -2.44 -7.34
C PRO A 14 -2.25 -2.59 -7.89
N HIS A 15 -2.51 -3.72 -8.52
CA HIS A 15 -3.84 -4.04 -9.02
C HIS A 15 -4.52 -5.10 -8.17
N ASP A 16 -3.81 -5.57 -7.14
CA ASP A 16 -4.31 -6.64 -6.29
C ASP A 16 -4.02 -6.35 -4.82
N TYR A 17 -3.77 -5.08 -4.51
CA TYR A 17 -3.51 -4.68 -3.13
C TYR A 17 -4.78 -4.78 -2.28
N CYS A 18 -4.59 -4.78 -0.97
CA CYS A 18 -5.72 -4.80 -0.04
C CYS A 18 -5.68 -3.60 0.90
N THR A 19 -6.78 -3.36 1.60
CA THR A 19 -6.88 -2.24 2.52
C THR A 19 -7.53 -2.65 3.83
N PRO A 21 -9.31 -1.97 7.70
CA PRO A 21 -10.43 -1.15 8.17
C PRO A 21 -9.98 0.26 8.52
N GLY A 22 -8.73 0.39 8.97
CA GLY A 22 -8.17 1.69 9.32
C GLY A 22 -8.02 2.56 8.08
N GLY A 23 -7.78 1.93 6.94
CA GLY A 23 -7.69 2.64 5.67
C GLY A 23 -6.28 2.65 5.14
N THR A 24 -5.45 1.72 5.63
CA THR A 24 -4.08 1.59 5.18
C THR A 24 -3.95 0.52 4.10
N LEU A 25 -3.30 0.88 2.99
CA LEU A 25 -3.11 -0.05 1.88
C LEU A 25 -1.88 -0.93 2.10
N PHE A 26 -1.97 -2.16 1.64
CA PHE A 26 -0.84 -3.10 1.73
C PHE A 26 -0.92 -4.16 0.64
N SER A 27 0.20 -4.85 0.42
CA SER A 27 0.22 -5.99 -0.49
C SER A 27 1.28 -7.00 -0.06
N THR A 28 1.28 -8.15 -0.73
CA THR A 28 2.28 -9.19 -0.46
C THR A 28 2.76 -9.84 -1.76
N PRO A 30 5.09 -12.65 -4.12
CA PRO A 30 5.21 -14.11 -4.14
C PRO A 30 6.32 -14.58 -3.20
N GLY A 31 7.33 -13.74 -3.03
CA GLY A 31 8.45 -14.08 -2.16
C GLY A 31 8.03 -14.18 -0.71
N GLY A 32 6.94 -13.49 -0.36
CA GLY A 32 6.39 -13.55 0.98
C GLY A 32 6.54 -12.21 1.70
N THR A 33 7.35 -11.33 1.12
CA THR A 33 7.59 -10.01 1.69
C THR A 33 6.31 -9.17 1.68
N ARG A 34 6.02 -8.52 2.80
CA ARG A 34 4.86 -7.65 2.90
C ARG A 34 5.23 -6.20 2.60
N ILE A 35 4.30 -5.48 1.97
CA ILE A 35 4.52 -4.08 1.64
C ILE A 35 3.42 -3.20 2.19
N ILE A 36 3.81 -2.19 2.97
CA ILE A 36 2.85 -1.23 3.51
C ILE A 36 2.92 0.09 2.75
N TYR A 37 1.78 0.54 2.24
CA TYR A 37 1.73 1.70 1.36
C TYR A 37 1.27 2.94 2.11
N ASP A 38 2.10 3.98 2.11
CA ASP A 38 1.73 5.26 2.68
C ASP A 38 1.29 6.24 1.61
N ARG A 39 -0.02 6.38 1.43
CA ARG A 39 -0.56 7.19 0.35
C ARG A 39 -0.71 8.65 0.77
N LYS A 40 -0.37 9.56 -0.13
CA LYS A 40 -0.56 10.99 0.13
C LYS A 40 -1.97 11.27 0.64
N PHE A 41 -2.95 10.60 0.06
CA PHE A 41 -4.34 10.75 0.46
C PHE A 41 -4.87 9.50 1.14
N LEU A 42 -4.01 8.85 1.93
CA LEU A 42 -4.37 7.61 2.60
C LEU A 42 -5.58 7.81 3.51
N LEU A 43 -6.50 6.84 3.48
CA LEU A 43 -7.71 6.93 4.29
C LEU A 43 -7.39 6.93 5.78
N ASP A 44 -6.34 6.20 6.15
CA ASP A 44 -5.89 6.18 7.54
C ASP A 44 -5.10 7.44 7.87
N ARG A 45 -5.82 8.53 8.10
CA ARG A 45 -5.20 9.80 8.45
C ARG A 45 -4.80 9.84 9.92
N PRO A 1 9.08 -10.09 6.37
CA PRO A 1 9.72 -8.91 5.81
C PRO A 1 8.72 -7.77 5.63
N THR A 2 9.07 -6.59 6.13
CA THR A 2 8.22 -5.42 6.01
C THR A 2 8.86 -4.35 5.15
N ARG A 3 8.14 -3.92 4.11
CA ARG A 3 8.64 -2.89 3.20
C ARG A 3 7.71 -1.68 3.18
N THR A 4 8.28 -0.51 3.39
CA THR A 4 7.51 0.73 3.37
C THR A 4 7.63 1.45 2.03
N VAL A 5 6.50 1.66 1.37
CA VAL A 5 6.48 2.34 0.09
C VAL A 5 5.53 3.53 0.12
N ALA A 6 6.05 4.71 -0.23
CA ALA A 6 5.23 5.91 -0.33
C ALA A 6 4.52 5.99 -1.67
N ILE A 7 3.28 6.47 -1.65
CA ILE A 7 2.47 6.53 -2.87
C ILE A 7 1.97 7.94 -3.12
N SER A 8 2.21 8.44 -4.32
CA SER A 8 1.82 9.80 -4.68
C SER A 8 0.58 9.80 -5.57
N ASP A 9 0.27 8.65 -6.15
CA ASP A 9 -0.86 8.52 -7.04
C ASP A 9 -1.31 7.06 -7.16
N ALA A 10 -2.54 6.86 -7.61
CA ALA A 10 -3.09 5.52 -7.74
C ALA A 10 -2.37 4.74 -8.83
N ALA A 11 -1.72 5.46 -9.74
CA ALA A 11 -0.92 4.83 -10.78
C ALA A 11 0.21 4.00 -10.18
N GLN A 12 0.61 4.34 -8.97
CA GLN A 12 1.73 3.68 -8.31
C GLN A 12 1.26 2.51 -7.45
N LEU A 13 -0.06 2.34 -7.36
CA LEU A 13 -0.64 1.26 -6.57
C LEU A 13 -0.74 -0.01 -7.40
N PRO A 14 -0.66 -1.15 -6.72
CA PRO A 14 -0.84 -2.45 -7.36
C PRO A 14 -2.25 -2.59 -7.93
N HIS A 15 -2.51 -3.72 -8.57
CA HIS A 15 -3.84 -4.02 -9.07
C HIS A 15 -4.53 -5.08 -8.23
N ASP A 16 -3.84 -5.54 -7.19
CA ASP A 16 -4.36 -6.61 -6.34
C ASP A 16 -4.07 -6.32 -4.88
N TYR A 17 -3.81 -5.06 -4.55
CA TYR A 17 -3.56 -4.65 -3.18
C TYR A 17 -4.82 -4.75 -2.34
N CYS A 18 -4.67 -4.71 -1.02
CA CYS A 18 -5.80 -4.72 -0.11
C CYS A 18 -5.73 -3.56 0.86
N THR A 19 -6.83 -3.32 1.58
CA THR A 19 -6.89 -2.22 2.54
C THR A 19 -7.51 -2.67 3.85
N PRO A 21 -9.25 -2.09 7.76
CA PRO A 21 -10.37 -1.31 8.27
C PRO A 21 -9.92 0.10 8.66
N GLY A 22 -8.68 0.21 9.10
CA GLY A 22 -8.13 1.50 9.53
C GLY A 22 -7.95 2.42 8.34
N GLY A 23 -7.78 1.84 7.16
CA GLY A 23 -7.66 2.62 5.93
C GLY A 23 -6.21 2.72 5.48
N THR A 24 -5.47 1.63 5.64
CA THR A 24 -4.09 1.56 5.16
C THR A 24 -3.95 0.50 4.07
N LEU A 25 -3.33 0.88 2.96
CA LEU A 25 -3.14 -0.03 1.83
C LEU A 25 -1.92 -0.91 2.04
N PHE A 26 -2.00 -2.15 1.57
CA PHE A 26 -0.88 -3.07 1.65
C PHE A 26 -0.96 -4.13 0.55
N SER A 27 0.15 -4.81 0.31
CA SER A 27 0.17 -5.97 -0.59
C SER A 27 1.23 -6.97 -0.17
N THR A 28 1.19 -8.16 -0.78
CA THR A 28 2.18 -9.19 -0.50
C THR A 28 2.63 -9.88 -1.78
N PRO A 30 5.06 -12.81 -3.99
CA PRO A 30 5.29 -14.25 -3.91
C PRO A 30 6.46 -14.58 -3.00
N GLY A 31 7.42 -13.65 -2.91
CA GLY A 31 8.60 -13.86 -2.08
C GLY A 31 8.23 -13.93 -0.60
N GLY A 32 7.11 -13.31 -0.25
CA GLY A 32 6.61 -13.34 1.12
C GLY A 32 6.71 -11.97 1.79
N THR A 33 7.35 -11.04 1.10
CA THR A 33 7.51 -9.68 1.60
C THR A 33 6.17 -8.96 1.68
N ARG A 34 5.90 -8.34 2.82
CA ARG A 34 4.68 -7.56 3.00
C ARG A 34 4.95 -6.07 2.84
N ILE A 35 4.31 -5.46 1.85
CA ILE A 35 4.52 -4.05 1.55
C ILE A 35 3.40 -3.19 2.09
N ILE A 36 3.75 -2.23 2.94
CA ILE A 36 2.78 -1.28 3.46
C ILE A 36 2.86 0.06 2.73
N TYR A 37 1.73 0.50 2.19
CA TYR A 37 1.71 1.67 1.32
C TYR A 37 1.24 2.91 2.07
N ASP A 38 2.07 3.96 2.06
CA ASP A 38 1.69 5.24 2.64
C ASP A 38 1.28 6.23 1.56
N ARG A 39 -0.02 6.34 1.33
CA ARG A 39 -0.55 7.19 0.26
C ARG A 39 -0.67 8.64 0.72
N LYS A 40 -0.34 9.56 -0.18
CA LYS A 40 -0.54 10.98 0.09
C LYS A 40 -1.95 11.26 0.59
N PHE A 41 -2.93 10.59 0.00
CA PHE A 41 -4.32 10.75 0.39
C PHE A 41 -4.85 9.51 1.09
N LEU A 42 -3.99 8.88 1.88
CA LEU A 42 -4.35 7.66 2.59
C LEU A 42 -5.49 7.91 3.58
N LEU A 43 -6.45 6.98 3.61
CA LEU A 43 -7.58 7.10 4.52
C LEU A 43 -7.12 7.18 5.97
N ASP A 44 -6.16 6.33 6.33
CA ASP A 44 -5.55 6.38 7.65
C ASP A 44 -4.57 7.54 7.76
N ARG A 45 -5.09 8.72 8.05
CA ARG A 45 -4.26 9.91 8.19
C ARG A 45 -3.60 9.96 9.57
N PRO A 1 9.44 -10.44 6.19
CA PRO A 1 10.03 -9.10 6.21
C PRO A 1 8.98 -8.04 5.91
N THR A 2 9.22 -6.82 6.40
CA THR A 2 8.29 -5.72 6.19
C THR A 2 8.97 -4.57 5.47
N ARG A 3 8.28 -4.00 4.49
CA ARG A 3 8.81 -2.87 3.73
C ARG A 3 7.81 -1.72 3.67
N THR A 4 8.30 -0.53 3.37
CA THR A 4 7.46 0.65 3.28
C THR A 4 7.64 1.36 1.95
N VAL A 5 6.54 1.55 1.22
CA VAL A 5 6.58 2.23 -0.07
C VAL A 5 5.56 3.37 -0.11
N ALA A 6 6.02 4.53 -0.57
CA ALA A 6 5.15 5.70 -0.69
C ALA A 6 4.46 5.73 -2.05
N ILE A 7 3.24 6.25 -2.08
CA ILE A 7 2.50 6.39 -3.33
C ILE A 7 2.09 7.85 -3.57
N SER A 8 2.90 8.56 -4.35
CA SER A 8 2.68 9.98 -4.57
C SER A 8 1.72 10.21 -5.72
N ASP A 9 1.48 9.16 -6.51
CA ASP A 9 0.61 9.27 -7.68
C ASP A 9 0.02 7.91 -8.04
N ALA A 10 -1.02 7.92 -8.87
CA ALA A 10 -1.66 6.70 -9.31
C ALA A 10 -0.71 5.82 -10.12
N ALA A 11 0.28 6.45 -10.73
CA ALA A 11 1.34 5.74 -11.44
C ALA A 11 2.07 4.79 -10.49
N GLN A 12 2.12 5.17 -9.21
CA GLN A 12 2.83 4.36 -8.21
C GLN A 12 1.88 3.43 -7.48
N LEU A 13 0.60 3.53 -7.80
CA LEU A 13 -0.42 2.67 -7.19
C LEU A 13 -0.34 1.25 -7.74
N PRO A 14 -0.18 0.29 -6.84
CA PRO A 14 -0.16 -1.12 -7.24
C PRO A 14 -1.47 -1.53 -7.88
N HIS A 15 -1.53 -2.78 -8.34
CA HIS A 15 -2.73 -3.29 -9.01
C HIS A 15 -3.26 -4.53 -8.29
N ASP A 16 -2.56 -4.95 -7.24
CA ASP A 16 -2.96 -6.12 -6.47
C ASP A 16 -3.01 -5.80 -4.98
N TYR A 17 -2.97 -4.52 -4.65
CA TYR A 17 -2.95 -4.08 -3.26
C TYR A 17 -4.30 -4.32 -2.59
N CYS A 18 -4.29 -4.34 -1.26
CA CYS A 18 -5.54 -4.38 -0.49
C CYS A 18 -5.56 -3.30 0.58
N THR A 19 -6.76 -2.93 1.02
CA THR A 19 -6.93 -1.87 2.01
C THR A 19 -7.63 -2.37 3.25
N PRO A 21 -9.56 -1.96 7.09
CA PRO A 21 -10.66 -1.15 7.58
C PRO A 21 -10.17 0.21 8.08
N GLY A 22 -8.95 0.24 8.58
CA GLY A 22 -8.35 1.48 9.06
C GLY A 22 -8.08 2.44 7.91
N GLY A 23 -7.81 1.88 6.74
CA GLY A 23 -7.61 2.69 5.53
C GLY A 23 -6.15 2.73 5.14
N THR A 24 -5.45 1.61 5.31
CA THR A 24 -4.05 1.51 4.92
C THR A 24 -3.86 0.48 3.82
N LEU A 25 -3.09 0.83 2.80
CA LEU A 25 -2.82 -0.06 1.69
C LEU A 25 -1.67 -1.01 2.01
N PHE A 26 -1.78 -2.25 1.55
CA PHE A 26 -0.70 -3.22 1.70
C PHE A 26 -0.73 -4.25 0.58
N SER A 27 0.41 -4.85 0.29
CA SER A 27 0.49 -5.97 -0.65
C SER A 27 1.63 -6.91 -0.29
N THR A 28 1.38 -8.20 -0.43
CA THR A 28 2.39 -9.22 -0.14
C THR A 28 2.80 -9.98 -1.39
N PRO A 30 5.06 -12.84 -3.75
CA PRO A 30 5.25 -14.28 -3.69
C PRO A 30 6.45 -14.64 -2.83
N GLY A 31 7.43 -13.75 -2.77
CA GLY A 31 8.63 -13.97 -1.98
C GLY A 31 8.31 -14.05 -0.49
N GLY A 32 7.22 -13.39 -0.09
CA GLY A 32 6.77 -13.44 1.28
C GLY A 32 6.97 -12.10 1.98
N THR A 33 7.40 -11.10 1.20
CA THR A 33 7.64 -9.76 1.74
C THR A 33 6.33 -8.98 1.84
N ARG A 34 6.10 -8.39 3.01
CA ARG A 34 4.88 -7.60 3.23
C ARG A 34 5.17 -6.11 3.07
N ILE A 35 4.59 -5.51 2.04
CA ILE A 35 4.82 -4.10 1.74
C ILE A 35 3.65 -3.25 2.20
N ILE A 36 3.91 -2.33 3.14
CA ILE A 36 2.91 -1.37 3.56
C ILE A 36 3.06 -0.05 2.80
N TYR A 37 1.94 0.46 2.30
CA TYR A 37 1.96 1.59 1.39
C TYR A 37 1.47 2.86 2.08
N ASP A 38 2.20 3.95 1.90
CA ASP A 38 1.77 5.25 2.38
C ASP A 38 1.32 6.15 1.24
N ARG A 39 0.01 6.23 1.02
CA ARG A 39 -0.55 6.96 -0.11
C ARG A 39 -0.68 8.44 0.20
N LYS A 40 -0.39 9.27 -0.80
CA LYS A 40 -0.58 10.72 -0.68
C LYS A 40 -1.97 11.04 -0.14
N PHE A 41 -2.96 10.32 -0.61
CA PHE A 41 -4.34 10.51 -0.17
C PHE A 41 -4.83 9.31 0.63
N LEU A 42 -3.94 8.75 1.45
CA LEU A 42 -4.27 7.57 2.23
C LEU A 42 -5.41 7.85 3.21
N LEU A 43 -6.37 6.92 3.27
CA LEU A 43 -7.51 7.07 4.16
C LEU A 43 -7.06 7.17 5.61
N ASP A 44 -6.11 6.33 6.00
CA ASP A 44 -5.53 6.39 7.33
C ASP A 44 -4.46 7.47 7.42
N ARG A 45 -4.90 8.70 7.68
CA ARG A 45 -3.99 9.84 7.80
C ARG A 45 -3.30 9.85 9.15
N PRO A 1 9.72 -10.29 6.16
CA PRO A 1 10.27 -8.94 6.13
C PRO A 1 9.17 -7.92 5.83
N THR A 2 9.37 -6.69 6.29
CA THR A 2 8.40 -5.63 6.08
C THR A 2 9.03 -4.45 5.33
N ARG A 3 8.28 -3.92 4.37
CA ARG A 3 8.76 -2.80 3.57
C ARG A 3 7.73 -1.68 3.51
N THR A 4 8.18 -0.48 3.19
CA THR A 4 7.28 0.67 3.09
C THR A 4 7.42 1.36 1.74
N VAL A 5 6.31 1.51 1.04
CA VAL A 5 6.30 2.15 -0.27
C VAL A 5 5.23 3.23 -0.34
N ALA A 6 5.62 4.42 -0.83
CA ALA A 6 4.68 5.52 -1.01
C ALA A 6 4.03 5.47 -2.39
N ILE A 7 2.77 5.87 -2.45
CA ILE A 7 2.05 5.92 -3.72
C ILE A 7 1.60 7.34 -4.05
N SER A 8 2.26 7.94 -5.04
CA SER A 8 1.99 9.33 -5.40
C SER A 8 1.22 9.42 -6.72
N ASP A 9 1.01 8.26 -7.36
CA ASP A 9 0.32 8.22 -8.64
C ASP A 9 -0.25 6.83 -8.90
N ALA A 10 -1.20 6.75 -9.83
CA ALA A 10 -1.80 5.48 -10.21
C ALA A 10 -0.77 4.54 -10.83
N ALA A 11 0.29 5.11 -11.38
CA ALA A 11 1.41 4.33 -11.88
C ALA A 11 2.07 3.54 -10.77
N GLN A 12 2.05 4.08 -9.56
CA GLN A 12 2.65 3.43 -8.41
C GLN A 12 1.64 2.59 -7.65
N LEU A 13 0.36 2.93 -7.81
CA LEU A 13 -0.72 2.12 -7.25
C LEU A 13 -0.71 0.71 -7.82
N PRO A 14 -0.54 -0.28 -6.94
CA PRO A 14 -0.56 -1.68 -7.35
C PRO A 14 -1.90 -2.05 -7.97
N HIS A 15 -1.94 -3.21 -8.61
CA HIS A 15 -3.17 -3.70 -9.24
C HIS A 15 -3.74 -4.88 -8.46
N ASP A 16 -3.08 -5.25 -7.37
CA ASP A 16 -3.49 -6.40 -6.57
C ASP A 16 -3.35 -6.12 -5.09
N TYR A 17 -3.35 -4.84 -4.73
CA TYR A 17 -3.22 -4.43 -3.33
C TYR A 17 -4.51 -4.70 -2.57
N CYS A 18 -4.41 -4.76 -1.25
CA CYS A 18 -5.58 -4.78 -0.39
C CYS A 18 -5.58 -3.60 0.57
N THR A 19 -6.73 -3.34 1.18
CA THR A 19 -6.90 -2.20 2.08
C THR A 19 -7.64 -2.60 3.35
N PRO A 21 -9.70 -1.76 7.05
CA PRO A 21 -10.80 -0.90 7.43
C PRO A 21 -10.31 0.50 7.79
N GLY A 22 -9.09 0.57 8.33
CA GLY A 22 -8.50 1.84 8.72
C GLY A 22 -8.19 2.70 7.51
N GLY A 23 -7.93 2.05 6.37
CA GLY A 23 -7.70 2.75 5.12
C GLY A 23 -6.22 2.74 4.74
N THR A 24 -5.54 1.67 5.12
CA THR A 24 -4.13 1.50 4.78
C THR A 24 -3.93 0.40 3.76
N LEU A 25 -3.19 0.70 2.70
CA LEU A 25 -2.95 -0.27 1.63
C LEU A 25 -1.80 -1.21 2.00
N PHE A 26 -1.90 -2.46 1.55
CA PHE A 26 -0.83 -3.43 1.75
C PHE A 26 -0.88 -4.52 0.69
N SER A 27 0.27 -5.13 0.42
CA SER A 27 0.34 -6.29 -0.46
C SER A 27 1.57 -7.14 -0.16
N THR A 28 1.41 -8.45 -0.32
CA THR A 28 2.52 -9.39 -0.07
C THR A 28 2.94 -10.09 -1.35
N PRO A 30 5.28 -12.79 -3.82
CA PRO A 30 5.51 -14.22 -3.81
C PRO A 30 6.73 -14.57 -2.95
N GLY A 31 7.68 -13.64 -2.89
CA GLY A 31 8.91 -13.85 -2.12
C GLY A 31 8.60 -13.96 -0.63
N GLY A 32 7.50 -13.35 -0.21
CA GLY A 32 7.06 -13.44 1.18
C GLY A 32 7.25 -12.09 1.89
N THR A 33 7.60 -11.07 1.13
CA THR A 33 7.81 -9.74 1.68
C THR A 33 6.48 -8.98 1.81
N ARG A 34 6.24 -8.42 2.98
CA ARG A 34 5.01 -7.67 3.23
C ARG A 34 5.22 -6.17 3.06
N ILE A 35 4.60 -5.62 2.03
CA ILE A 35 4.78 -4.21 1.71
C ILE A 35 3.58 -3.38 2.16
N ILE A 36 3.84 -2.44 3.07
CA ILE A 36 2.82 -1.49 3.49
C ILE A 36 2.90 -0.20 2.68
N TYR A 37 1.76 0.23 2.16
CA TYR A 37 1.72 1.34 1.22
C TYR A 37 1.17 2.60 1.87
N ASP A 38 1.85 3.72 1.65
CA ASP A 38 1.33 5.02 2.04
C ASP A 38 0.72 5.75 0.86
N ARG A 39 -0.60 5.68 0.73
CA ARG A 39 -1.29 6.18 -0.45
C ARG A 39 -1.55 7.68 -0.34
N LYS A 40 -0.82 8.47 -1.13
CA LYS A 40 -1.11 9.89 -1.27
C LYS A 40 -2.02 10.16 -2.46
N PHE A 41 -1.86 9.37 -3.52
CA PHE A 41 -2.75 9.44 -4.67
C PHE A 41 -4.19 9.18 -4.27
N LEU A 42 -5.06 10.15 -4.54
CA LEU A 42 -6.47 10.02 -4.21
C LEU A 42 -7.20 9.15 -5.21
N LEU A 43 -8.15 8.35 -4.72
CA LEU A 43 -8.90 7.44 -5.58
C LEU A 43 -10.31 7.96 -5.84
N ASP A 44 -10.90 7.55 -6.94
CA ASP A 44 -12.26 7.96 -7.29
C ASP A 44 -13.28 7.34 -6.35
N ARG A 45 -14.34 8.09 -6.05
CA ARG A 45 -15.39 7.61 -5.16
C ARG A 45 -16.20 6.50 -5.82
N PRO A 1 10.31 -10.46 6.16
CA PRO A 1 10.78 -9.15 5.73
C PRO A 1 9.61 -8.23 5.39
N THR A 2 9.78 -6.94 5.70
CA THR A 2 8.76 -5.95 5.39
C THR A 2 9.34 -4.75 4.67
N ARG A 3 8.49 -4.03 3.94
CA ARG A 3 8.93 -2.84 3.22
C ARG A 3 7.94 -1.70 3.38
N THR A 4 8.41 -0.47 3.17
CA THR A 4 7.56 0.71 3.26
C THR A 4 7.61 1.53 1.99
N VAL A 5 6.45 1.68 1.35
CA VAL A 5 6.35 2.45 0.11
C VAL A 5 5.25 3.49 0.20
N ALA A 6 5.55 4.71 -0.25
CA ALA A 6 4.56 5.78 -0.28
C ALA A 6 3.77 5.75 -1.58
N ILE A 7 2.44 5.76 -1.45
CA ILE A 7 1.56 5.69 -2.62
C ILE A 7 0.58 6.86 -2.63
N SER A 8 0.43 7.48 -3.79
CA SER A 8 -0.38 8.69 -3.91
C SER A 8 -1.86 8.36 -3.93
N ASP A 9 -2.20 7.19 -4.47
CA ASP A 9 -3.58 6.73 -4.50
C ASP A 9 -3.66 5.25 -4.83
N ALA A 10 -4.74 4.61 -4.41
CA ALA A 10 -4.95 3.19 -4.68
C ALA A 10 -5.11 2.94 -6.17
N ALA A 11 -5.57 3.95 -6.90
CA ALA A 11 -5.70 3.86 -8.35
C ALA A 11 -4.34 3.70 -9.02
N GLN A 12 -3.30 4.17 -8.35
CA GLN A 12 -1.96 4.20 -8.93
C GLN A 12 -1.25 2.87 -8.71
N LEU A 13 -1.49 2.25 -7.57
CA LEU A 13 -0.85 0.99 -7.23
C LEU A 13 -1.46 -0.16 -8.01
N PRO A 14 -0.63 -0.83 -8.81
CA PRO A 14 -1.08 -2.00 -9.57
C PRO A 14 -1.53 -3.12 -8.65
N HIS A 15 -2.53 -3.87 -9.09
CA HIS A 15 -2.91 -5.11 -8.43
C HIS A 15 -1.81 -6.16 -8.55
N ASP A 16 -1.77 -7.08 -7.58
CA ASP A 16 -2.80 -7.16 -6.55
C ASP A 16 -2.41 -6.39 -5.31
N TYR A 17 -3.39 -5.86 -4.60
CA TYR A 17 -3.16 -5.21 -3.32
C TYR A 17 -4.43 -5.20 -2.47
N CYS A 18 -4.27 -4.88 -1.19
CA CYS A 18 -5.41 -4.77 -0.28
C CYS A 18 -5.44 -3.42 0.41
N THR A 19 -6.63 -2.99 0.83
CA THR A 19 -6.79 -1.69 1.45
C THR A 19 -7.60 -1.79 2.73
N PRO A 21 -9.77 0.12 6.06
CA PRO A 21 -10.78 1.18 6.19
C PRO A 21 -10.13 2.54 6.36
N GLY A 22 -8.97 2.57 7.00
CA GLY A 22 -8.25 3.81 7.24
C GLY A 22 -7.79 4.45 5.94
N GLY A 23 -7.54 3.61 4.93
CA GLY A 23 -7.13 4.08 3.62
C GLY A 23 -5.68 3.69 3.32
N THR A 24 -5.08 2.93 4.24
CA THR A 24 -3.71 2.46 4.05
C THR A 24 -3.70 1.13 3.31
N LEU A 25 -2.76 0.99 2.38
CA LEU A 25 -2.70 -0.19 1.52
C LEU A 25 -1.61 -1.15 1.96
N PHE A 26 -1.69 -2.39 1.50
CA PHE A 26 -0.64 -3.37 1.72
C PHE A 26 -0.73 -4.52 0.73
N SER A 27 0.40 -5.14 0.44
CA SER A 27 0.43 -6.33 -0.40
C SER A 27 1.67 -7.17 -0.13
N THR A 28 1.52 -8.49 -0.23
CA THR A 28 2.64 -9.40 0.01
C THR A 28 3.03 -10.15 -1.26
N PRO A 30 5.25 -12.88 -3.76
CA PRO A 30 5.48 -14.32 -3.72
C PRO A 30 6.72 -14.65 -2.92
N GLY A 31 7.68 -13.73 -2.90
CA GLY A 31 8.93 -13.93 -2.17
C GLY A 31 8.67 -14.02 -0.67
N GLY A 32 7.59 -13.40 -0.21
CA GLY A 32 7.20 -13.48 1.19
C GLY A 32 7.43 -12.13 1.89
N THR A 33 7.74 -11.11 1.11
CA THR A 33 7.95 -9.77 1.65
C THR A 33 6.65 -9.00 1.76
N ARG A 34 6.35 -8.51 2.97
CA ARG A 34 5.14 -7.74 3.20
C ARG A 34 5.39 -6.24 2.98
N ILE A 35 4.81 -5.71 1.92
CA ILE A 35 5.01 -4.31 1.56
C ILE A 35 3.84 -3.45 2.02
N ILE A 36 4.10 -2.54 2.94
CA ILE A 36 3.08 -1.63 3.44
C ILE A 36 3.07 -0.33 2.65
N TYR A 37 1.91 0.06 2.16
CA TYR A 37 1.79 1.20 1.26
C TYR A 37 1.13 2.39 1.97
N ASP A 38 1.94 3.38 2.32
CA ASP A 38 1.45 4.53 3.08
C ASP A 38 0.82 5.56 2.16
N ARG A 39 -0.48 5.77 2.31
CA ARG A 39 -1.21 6.77 1.53
C ARG A 39 -0.64 8.16 1.80
N LYS A 40 -0.15 8.80 0.73
CA LYS A 40 0.46 10.12 0.85
C LYS A 40 -0.54 11.15 1.35
N PHE A 41 -1.82 10.94 1.03
CA PHE A 41 -2.87 11.86 1.44
C PHE A 41 -3.76 11.23 2.50
N LEU A 42 -3.19 10.36 3.31
CA LEU A 42 -3.94 9.68 4.36
C LEU A 42 -4.64 10.67 5.27
N LEU A 43 -5.96 10.57 5.36
CA LEU A 43 -6.74 11.42 6.25
C LEU A 43 -6.91 10.78 7.62
N ASP A 44 -7.18 9.48 7.63
CA ASP A 44 -7.30 8.73 8.88
C ASP A 44 -5.93 8.26 9.36
N ARG A 45 -5.13 9.19 9.88
CA ARG A 45 -3.79 8.88 10.37
C ARG A 45 -3.84 8.26 11.75
N PRO A 1 9.69 -9.37 7.01
CA PRO A 1 10.07 -8.54 5.87
C PRO A 1 9.04 -7.46 5.60
N THR A 2 9.37 -6.22 5.93
CA THR A 2 8.47 -5.10 5.72
C THR A 2 9.05 -4.09 4.74
N ARG A 3 8.26 -3.71 3.74
CA ARG A 3 8.70 -2.75 2.75
C ARG A 3 7.76 -1.55 2.69
N THR A 4 8.33 -0.35 2.74
CA THR A 4 7.55 0.88 2.70
C THR A 4 7.55 1.48 1.30
N VAL A 5 6.37 1.61 0.72
CA VAL A 5 6.23 2.21 -0.60
C VAL A 5 5.22 3.36 -0.58
N ALA A 6 5.61 4.50 -1.15
CA ALA A 6 4.74 5.66 -1.20
C ALA A 6 3.94 5.69 -2.51
N ILE A 7 2.72 6.21 -2.44
CA ILE A 7 1.88 6.35 -3.62
C ILE A 7 1.43 7.80 -3.80
N SER A 8 2.17 8.54 -4.62
CA SER A 8 1.89 9.95 -4.86
C SER A 8 0.82 10.13 -5.94
N ASP A 9 0.63 9.09 -6.74
CA ASP A 9 -0.33 9.14 -7.84
C ASP A 9 -0.82 7.75 -8.22
N ALA A 10 -1.83 7.69 -9.08
CA ALA A 10 -2.35 6.42 -9.56
C ALA A 10 -1.29 5.64 -10.31
N ALA A 11 -0.30 6.35 -10.86
CA ALA A 11 0.83 5.72 -11.52
C ALA A 11 1.59 4.82 -10.55
N GLN A 12 1.52 5.14 -9.27
CA GLN A 12 2.24 4.38 -8.24
C GLN A 12 1.30 3.41 -7.52
N LEU A 13 0.07 3.33 -8.01
CA LEU A 13 -0.93 2.46 -7.40
C LEU A 13 -1.00 1.11 -8.11
N PRO A 14 -0.66 0.04 -7.39
CA PRO A 14 -0.73 -1.30 -7.94
C PRO A 14 -2.17 -1.74 -8.13
N HIS A 15 -2.35 -2.98 -8.58
CA HIS A 15 -3.69 -3.55 -8.75
C HIS A 15 -3.85 -4.83 -7.97
N ASP A 16 -2.76 -5.28 -7.35
CA ASP A 16 -2.79 -6.50 -6.55
C ASP A 16 -2.67 -6.19 -5.06
N TYR A 17 -3.31 -5.09 -4.65
CA TYR A 17 -3.23 -4.64 -3.26
C TYR A 17 -4.56 -4.85 -2.54
N CYS A 18 -4.52 -4.81 -1.21
CA CYS A 18 -5.73 -4.79 -0.41
C CYS A 18 -5.71 -3.64 0.60
N THR A 19 -6.85 -3.40 1.24
CA THR A 19 -6.97 -2.29 2.18
C THR A 19 -7.65 -2.74 3.47
N PRO A 21 -9.50 -2.15 7.33
CA PRO A 21 -10.61 -1.33 7.80
C PRO A 21 -10.15 0.06 8.19
N GLY A 22 -8.91 0.16 8.67
CA GLY A 22 -8.33 1.43 9.05
C GLY A 22 -8.15 2.34 7.83
N GLY A 23 -7.90 1.72 6.68
CA GLY A 23 -7.79 2.46 5.43
C GLY A 23 -6.35 2.47 4.91
N THR A 24 -5.56 1.50 5.37
CA THR A 24 -4.17 1.39 4.95
C THR A 24 -4.02 0.36 3.84
N LEU A 25 -3.34 0.75 2.77
CA LEU A 25 -3.09 -0.16 1.65
C LEU A 25 -1.90 -1.06 1.92
N PHE A 26 -1.98 -2.31 1.47
CA PHE A 26 -0.87 -3.25 1.60
C PHE A 26 -0.90 -4.30 0.50
N SER A 27 0.23 -4.94 0.27
CA SER A 27 0.30 -6.07 -0.65
C SER A 27 1.44 -7.02 -0.28
N THR A 28 1.14 -8.31 -0.25
CA THR A 28 2.14 -9.32 0.08
C THR A 28 2.48 -10.19 -1.13
N PRO A 30 4.64 -13.29 -3.28
CA PRO A 30 4.85 -14.72 -3.09
C PRO A 30 6.10 -14.98 -2.26
N GLY A 31 7.08 -14.07 -2.35
CA GLY A 31 8.33 -14.20 -1.62
C GLY A 31 8.09 -14.13 -0.12
N GLY A 32 7.01 -13.46 0.28
CA GLY A 32 6.63 -13.37 1.68
C GLY A 32 6.76 -11.93 2.19
N THR A 33 7.41 -11.08 1.39
CA THR A 33 7.60 -9.69 1.76
C THR A 33 6.27 -8.95 1.85
N ARG A 34 6.07 -8.24 2.96
CA ARG A 34 4.84 -7.46 3.16
C ARG A 34 5.08 -5.99 2.85
N ILE A 35 4.43 -5.50 1.80
CA ILE A 35 4.58 -4.10 1.40
C ILE A 35 3.46 -3.24 1.96
N ILE A 36 3.83 -2.25 2.77
CA ILE A 36 2.87 -1.29 3.29
C ILE A 36 2.90 0.01 2.51
N TYR A 37 1.75 0.44 2.02
CA TYR A 37 1.67 1.58 1.11
C TYR A 37 1.23 2.84 1.84
N ASP A 38 1.98 3.91 1.66
CA ASP A 38 1.58 5.23 2.16
C ASP A 38 1.04 6.11 1.03
N ARG A 39 -0.29 6.18 0.95
CA ARG A 39 -0.94 6.88 -0.16
C ARG A 39 -1.09 8.37 0.15
N LYS A 40 -0.85 9.21 -0.86
CA LYS A 40 -1.04 10.64 -0.72
C LYS A 40 -2.41 10.96 -0.12
N PHE A 41 -3.43 10.23 -0.55
CA PHE A 41 -4.78 10.42 -0.04
C PHE A 41 -5.24 9.20 0.75
N LEU A 42 -4.32 8.62 1.53
CA LEU A 42 -4.60 7.41 2.28
C LEU A 42 -5.78 7.61 3.22
N LEU A 43 -6.69 6.63 3.26
CA LEU A 43 -7.87 6.72 4.10
C LEU A 43 -7.49 6.74 5.58
N ASP A 44 -6.44 6.01 5.92
CA ASP A 44 -5.94 5.98 7.29
C ASP A 44 -5.07 7.21 7.59
N ARG A 45 -5.65 8.19 8.26
CA ARG A 45 -4.96 9.44 8.55
C ARG A 45 -4.79 9.65 10.05
N PRO A 1 9.70 -10.78 6.10
CA PRO A 1 10.21 -9.51 5.58
C PRO A 1 9.11 -8.45 5.53
N THR A 2 9.41 -7.28 6.07
CA THR A 2 8.45 -6.17 6.07
C THR A 2 9.06 -4.92 5.46
N ARG A 3 8.33 -4.29 4.55
CA ARG A 3 8.81 -3.08 3.89
C ARG A 3 7.73 -1.99 3.90
N THR A 4 8.17 -0.75 3.72
CA THR A 4 7.24 0.38 3.70
C THR A 4 7.45 1.24 2.45
N VAL A 5 6.38 1.43 1.68
CA VAL A 5 6.43 2.26 0.49
C VAL A 5 5.37 3.36 0.54
N ALA A 6 5.78 4.58 0.19
CA ALA A 6 4.85 5.70 0.12
C ALA A 6 4.27 5.84 -1.28
N ILE A 7 2.97 6.10 -1.35
CA ILE A 7 2.29 6.24 -2.63
C ILE A 7 1.44 7.50 -2.66
N SER A 8 1.00 7.89 -3.86
CA SER A 8 0.19 9.09 -4.03
C SER A 8 -1.25 8.74 -4.38
N ASP A 9 -1.42 7.66 -5.13
CA ASP A 9 -2.74 7.26 -5.60
C ASP A 9 -2.92 5.75 -5.53
N ALA A 10 -3.78 5.30 -4.63
CA ALA A 10 -4.06 3.88 -4.46
C ALA A 10 -4.54 3.25 -5.77
N ALA A 11 -5.28 4.03 -6.54
CA ALA A 11 -5.88 3.54 -7.78
C ALA A 11 -4.80 3.15 -8.79
N GLN A 12 -3.63 3.75 -8.65
CA GLN A 12 -2.53 3.54 -9.60
C GLN A 12 -1.61 2.43 -9.12
N LEU A 13 -1.87 1.92 -7.93
CA LEU A 13 -1.07 0.83 -7.37
C LEU A 13 -1.38 -0.49 -8.05
N PRO A 14 -0.34 -1.14 -8.55
CA PRO A 14 -0.50 -2.40 -9.27
C PRO A 14 -1.25 -3.43 -8.42
N HIS A 15 -2.18 -4.14 -9.05
CA HIS A 15 -2.84 -5.27 -8.41
C HIS A 15 -1.97 -6.51 -8.46
N ASP A 16 -2.20 -7.43 -7.52
CA ASP A 16 -3.27 -7.26 -6.53
C ASP A 16 -2.75 -6.57 -5.28
N TYR A 17 -3.65 -5.86 -4.59
CA TYR A 17 -3.33 -5.27 -3.30
C TYR A 17 -4.57 -5.18 -2.41
N CYS A 18 -4.35 -4.95 -1.13
CA CYS A 18 -5.46 -4.81 -0.18
C CYS A 18 -5.33 -3.52 0.61
N THR A 19 -6.40 -3.18 1.34
CA THR A 19 -6.41 -1.97 2.15
C THR A 19 -7.30 -2.12 3.37
N PRO A 21 -9.77 -0.20 6.51
CA PRO A 21 -10.74 0.87 6.61
C PRO A 21 -10.08 2.20 6.93
N GLY A 22 -8.95 2.14 7.61
CA GLY A 22 -8.22 3.33 8.01
C GLY A 22 -7.70 4.09 6.79
N GLY A 23 -7.40 3.34 5.73
CA GLY A 23 -6.94 3.94 4.48
C GLY A 23 -5.48 3.59 4.21
N THR A 24 -4.97 2.60 4.94
CA THR A 24 -3.61 2.11 4.72
C THR A 24 -3.61 0.84 3.87
N LEU A 25 -2.76 0.84 2.84
CA LEU A 25 -2.72 -0.27 1.90
C LEU A 25 -1.63 -1.27 2.27
N PHE A 26 -1.70 -2.46 1.67
CA PHE A 26 -0.65 -3.46 1.84
C PHE A 26 -0.77 -4.56 0.79
N SER A 27 0.36 -5.15 0.44
CA SER A 27 0.38 -6.31 -0.45
C SER A 27 1.63 -7.15 -0.25
N THR A 28 1.50 -8.46 -0.44
CA THR A 28 2.62 -9.37 -0.27
C THR A 28 3.06 -9.95 -1.62
N PRO A 30 5.45 -12.31 -4.34
CA PRO A 30 5.71 -13.75 -4.44
C PRO A 30 6.92 -14.15 -3.62
N GLY A 31 7.85 -13.23 -3.46
CA GLY A 31 9.06 -13.48 -2.68
C GLY A 31 8.73 -13.73 -1.21
N GLY A 32 7.62 -13.15 -0.76
CA GLY A 32 7.16 -13.36 0.62
C GLY A 32 7.32 -12.09 1.44
N THR A 33 7.65 -10.99 0.78
CA THR A 33 7.83 -9.71 1.45
C THR A 33 6.51 -8.96 1.58
N ARG A 34 6.17 -8.59 2.81
CA ARG A 34 4.95 -7.83 3.07
C ARG A 34 5.21 -6.33 2.99
N ILE A 35 4.67 -5.68 1.96
CA ILE A 35 4.90 -4.26 1.74
C ILE A 35 3.67 -3.45 2.16
N ILE A 36 3.86 -2.55 3.13
CA ILE A 36 2.80 -1.65 3.56
C ILE A 36 2.86 -0.33 2.79
N TYR A 37 1.72 0.07 2.22
CA TYR A 37 1.68 1.22 1.33
C TYR A 37 0.98 2.40 2.00
N ASP A 38 1.74 3.45 2.27
CA ASP A 38 1.21 4.64 2.92
C ASP A 38 0.89 5.73 1.91
N ARG A 39 -0.40 5.99 1.71
CA ARG A 39 -0.84 7.00 0.76
C ARG A 39 -0.79 8.39 1.38
N LYS A 40 0.05 9.26 0.81
CA LYS A 40 0.23 10.60 1.33
C LYS A 40 -1.02 11.44 1.17
N PHE A 41 -1.78 11.16 0.12
CA PHE A 41 -3.03 11.86 -0.13
C PHE A 41 -3.96 11.76 1.07
N LEU A 42 -4.09 10.56 1.62
CA LEU A 42 -4.99 10.32 2.74
C LEU A 42 -4.40 10.83 4.05
N LEU A 43 -5.26 11.13 5.01
CA LEU A 43 -4.83 11.68 6.29
C LEU A 43 -4.16 10.61 7.15
N ASP A 44 -4.39 9.35 6.79
CA ASP A 44 -3.80 8.23 7.52
C ASP A 44 -2.33 8.04 7.14
N ARG A 45 -1.48 8.93 7.65
CA ARG A 45 -0.05 8.83 7.40
C ARG A 45 0.65 8.10 8.54
N PRO A 1 9.51 -9.87 7.25
CA PRO A 1 9.96 -8.97 6.18
C PRO A 1 8.94 -7.87 5.92
N THR A 2 9.28 -6.65 6.32
CA THR A 2 8.39 -5.51 6.13
C THR A 2 9.04 -4.44 5.25
N ARG A 3 8.28 -3.96 4.27
CA ARG A 3 8.78 -2.93 3.36
C ARG A 3 7.86 -1.72 3.35
N THR A 4 8.46 -0.53 3.27
CA THR A 4 7.70 0.71 3.24
C THR A 4 7.81 1.40 1.88
N VAL A 5 6.67 1.57 1.22
CA VAL A 5 6.63 2.26 -0.06
C VAL A 5 5.62 3.40 -0.03
N ALA A 6 6.02 4.55 -0.56
CA ALA A 6 5.12 5.70 -0.66
C ALA A 6 4.43 5.74 -2.02
N ILE A 7 3.12 5.99 -2.01
CA ILE A 7 2.35 6.08 -3.24
C ILE A 7 1.51 7.35 -3.27
N SER A 8 1.08 7.73 -4.47
CA SER A 8 0.26 8.93 -4.64
C SER A 8 -1.20 8.63 -4.36
N ASP A 9 -1.66 7.47 -4.81
CA ASP A 9 -3.06 7.07 -4.63
C ASP A 9 -3.23 5.58 -4.87
N ALA A 10 -4.33 5.02 -4.38
CA ALA A 10 -4.67 3.62 -4.63
C ALA A 10 -4.88 3.36 -6.12
N ALA A 11 -5.39 4.37 -6.81
CA ALA A 11 -5.53 4.30 -8.27
C ALA A 11 -4.17 4.22 -8.94
N GLN A 12 -3.15 4.71 -8.27
CA GLN A 12 -1.79 4.70 -8.81
C GLN A 12 -1.01 3.49 -8.32
N LEU A 13 -1.70 2.60 -7.60
CA LEU A 13 -1.08 1.39 -7.09
C LEU A 13 -1.52 0.17 -7.88
N PRO A 14 -0.59 -0.42 -8.63
CA PRO A 14 -0.91 -1.57 -9.47
C PRO A 14 -1.43 -2.74 -8.64
N HIS A 15 -2.39 -3.47 -9.20
CA HIS A 15 -2.82 -4.74 -8.63
C HIS A 15 -1.73 -5.80 -8.77
N ASP A 16 -1.75 -6.78 -7.88
CA ASP A 16 -2.80 -6.89 -6.87
C ASP A 16 -2.41 -6.18 -5.59
N TYR A 17 -3.39 -5.58 -4.93
CA TYR A 17 -3.18 -4.99 -3.61
C TYR A 17 -4.46 -5.02 -2.78
N CYS A 18 -4.32 -4.79 -1.48
CA CYS A 18 -5.47 -4.77 -0.58
C CYS A 18 -5.46 -3.52 0.29
N THR A 19 -6.55 -3.30 1.02
CA THR A 19 -6.71 -2.10 1.83
C THR A 19 -7.31 -2.43 3.19
N PRO A 21 -9.48 -0.87 6.72
CA PRO A 21 -10.58 0.04 7.00
C PRO A 21 -10.09 1.48 7.14
N GLY A 22 -8.88 1.63 7.63
CA GLY A 22 -8.27 2.95 7.79
C GLY A 22 -7.98 3.58 6.44
N GLY A 23 -7.76 2.74 5.43
CA GLY A 23 -7.56 3.22 4.07
C GLY A 23 -6.15 2.92 3.58
N THR A 24 -5.29 2.49 4.50
CA THR A 24 -3.90 2.19 4.16
C THR A 24 -3.81 0.99 3.23
N LEU A 25 -2.98 1.10 2.21
CA LEU A 25 -2.80 0.03 1.23
C LEU A 25 -1.69 -0.91 1.64
N PHE A 26 -1.79 -2.17 1.23
CA PHE A 26 -0.73 -3.14 1.46
C PHE A 26 -0.80 -4.29 0.46
N SER A 27 0.33 -4.93 0.22
CA SER A 27 0.38 -6.10 -0.65
C SER A 27 1.56 -7.00 -0.30
N THR A 28 1.37 -8.31 -0.43
CA THR A 28 2.41 -9.28 -0.11
C THR A 28 2.86 -10.03 -1.36
N PRO A 30 5.22 -12.92 -3.60
CA PRO A 30 5.42 -14.37 -3.50
C PRO A 30 6.58 -14.71 -2.58
N GLY A 31 7.56 -13.81 -2.52
CA GLY A 31 8.73 -14.02 -1.67
C GLY A 31 8.35 -14.04 -0.20
N GLY A 32 7.23 -13.40 0.14
CA GLY A 32 6.72 -13.40 1.50
C GLY A 32 6.83 -12.01 2.13
N THR A 33 7.52 -11.11 1.45
CA THR A 33 7.70 -9.74 1.94
C THR A 33 6.37 -8.99 1.96
N ARG A 34 6.08 -8.37 3.09
CA ARG A 34 4.85 -7.57 3.24
C ARG A 34 5.12 -6.09 3.00
N ILE A 35 4.57 -5.56 1.92
CA ILE A 35 4.82 -4.17 1.54
C ILE A 35 3.65 -3.28 1.97
N ILE A 36 3.94 -2.34 2.87
CA ILE A 36 2.94 -1.37 3.30
C ILE A 36 3.05 -0.08 2.50
N TYR A 37 1.91 0.37 1.96
CA TYR A 37 1.91 1.51 1.05
C TYR A 37 1.34 2.76 1.73
N ASP A 38 2.20 3.75 1.94
CA ASP A 38 1.77 5.01 2.53
C ASP A 38 1.19 5.95 1.49
N ARG A 39 -0.11 6.18 1.57
CA ARG A 39 -0.82 6.99 0.58
C ARG A 39 -0.61 8.48 0.84
N LYS A 40 -0.20 9.21 -0.19
CA LYS A 40 -0.08 10.67 -0.09
C LYS A 40 -1.34 11.29 0.48
N PHE A 41 -2.49 10.78 0.07
CA PHE A 41 -3.77 11.32 0.50
C PHE A 41 -4.47 10.36 1.47
N LEU A 42 -3.69 9.68 2.29
CA LEU A 42 -4.23 8.74 3.26
C LEU A 42 -5.20 9.41 4.20
N LEU A 43 -6.42 8.87 4.28
CA LEU A 43 -7.44 9.40 5.18
C LEU A 43 -7.11 9.11 6.63
N ASP A 44 -6.98 10.17 7.43
CA ASP A 44 -6.70 10.03 8.85
C ASP A 44 -7.96 9.76 9.65
N ARG A 45 -8.40 8.51 9.64
CA ARG A 45 -9.59 8.11 10.37
C ARG A 45 -9.36 8.15 11.88
N PRO A 1 8.70 -10.03 6.52
CA PRO A 1 9.37 -8.73 6.54
C PRO A 1 8.44 -7.63 6.05
N THR A 2 8.72 -6.40 6.46
CA THR A 2 7.90 -5.26 6.07
C THR A 2 8.68 -4.28 5.21
N ARG A 3 8.09 -3.89 4.08
CA ARG A 3 8.71 -2.93 3.18
C ARG A 3 7.88 -1.66 3.08
N THR A 4 8.54 -0.51 3.26
CA THR A 4 7.87 0.78 3.20
C THR A 4 7.98 1.39 1.81
N VAL A 5 6.84 1.57 1.15
CA VAL A 5 6.81 2.20 -0.17
C VAL A 5 5.84 3.38 -0.18
N ALA A 6 6.32 4.51 -0.69
CA ALA A 6 5.48 5.70 -0.80
C ALA A 6 4.80 5.78 -2.17
N ILE A 7 3.51 6.08 -2.16
CA ILE A 7 2.75 6.24 -3.40
C ILE A 7 1.87 7.48 -3.36
N SER A 8 1.27 7.81 -4.50
CA SER A 8 0.39 8.96 -4.59
C SER A 8 -0.99 8.64 -4.02
N ASP A 9 -1.59 7.55 -4.51
CA ASP A 9 -2.94 7.18 -4.12
C ASP A 9 -3.23 5.72 -4.45
N ALA A 10 -4.28 5.17 -3.86
CA ALA A 10 -4.70 3.81 -4.14
C ALA A 10 -5.15 3.65 -5.58
N ALA A 11 -5.71 4.73 -6.13
CA ALA A 11 -6.06 4.76 -7.55
C ALA A 11 -4.81 4.65 -8.43
N GLN A 12 -3.67 5.05 -7.88
CA GLN A 12 -2.42 4.99 -8.62
C GLN A 12 -1.59 3.78 -8.20
N LEU A 13 -2.23 2.85 -7.51
CA LEU A 13 -1.54 1.65 -7.02
C LEU A 13 -1.95 0.43 -7.85
N PRO A 14 -1.00 -0.10 -8.61
CA PRO A 14 -1.28 -1.24 -9.48
C PRO A 14 -1.71 -2.46 -8.68
N HIS A 15 -2.60 -3.25 -9.25
CA HIS A 15 -2.96 -4.54 -8.68
C HIS A 15 -1.83 -5.55 -8.85
N ASP A 16 -1.78 -6.54 -7.97
CA ASP A 16 -2.81 -6.71 -6.96
C ASP A 16 -2.44 -5.98 -5.67
N TYR A 17 -3.45 -5.52 -4.94
CA TYR A 17 -3.24 -4.91 -3.64
C TYR A 17 -4.49 -5.02 -2.77
N CYS A 18 -4.33 -4.79 -1.47
CA CYS A 18 -5.46 -4.79 -0.55
C CYS A 18 -5.39 -3.59 0.40
N THR A 19 -6.43 -3.44 1.21
CA THR A 19 -6.49 -2.35 2.18
C THR A 19 -7.21 -2.77 3.45
N PRO A 21 -9.49 -1.78 7.05
CA PRO A 21 -10.65 -0.95 7.34
C PRO A 21 -10.24 0.48 7.66
N GLY A 22 -9.05 0.63 8.24
CA GLY A 22 -8.53 1.95 8.58
C GLY A 22 -8.28 2.78 7.33
N GLY A 23 -7.90 2.11 6.24
CA GLY A 23 -7.68 2.77 4.96
C GLY A 23 -6.21 2.71 4.56
N THR A 24 -5.45 1.84 5.22
CA THR A 24 -4.04 1.66 4.91
C THR A 24 -3.86 0.65 3.79
N LEU A 25 -3.13 1.04 2.75
CA LEU A 25 -2.89 0.18 1.60
C LEU A 25 -1.69 -0.73 1.82
N PHE A 26 -1.78 -1.95 1.34
CA PHE A 26 -0.68 -2.91 1.43
C PHE A 26 -0.77 -3.96 0.34
N SER A 27 0.34 -4.69 0.13
CA SER A 27 0.34 -5.83 -0.77
C SER A 27 1.48 -6.78 -0.44
N THR A 28 1.18 -8.08 -0.48
CA THR A 28 2.17 -9.10 -0.15
C THR A 28 2.59 -9.88 -1.40
N PRO A 30 4.81 -12.87 -3.61
CA PRO A 30 4.96 -14.32 -3.50
C PRO A 30 6.13 -14.68 -2.59
N GLY A 31 7.13 -13.80 -2.53
CA GLY A 31 8.30 -14.03 -1.70
C GLY A 31 7.93 -14.05 -0.22
N GLY A 32 6.84 -13.37 0.12
CA GLY A 32 6.34 -13.35 1.48
C GLY A 32 6.46 -11.96 2.10
N THR A 33 7.22 -11.09 1.44
CA THR A 33 7.41 -9.73 1.92
C THR A 33 6.12 -8.93 1.84
N ARG A 34 5.77 -8.28 2.95
CA ARG A 34 4.58 -7.43 3.00
C ARG A 34 4.94 -5.96 2.78
N ILE A 35 4.44 -5.38 1.71
CA ILE A 35 4.69 -3.99 1.39
C ILE A 35 3.57 -3.09 1.92
N ILE A 36 3.94 -2.13 2.77
CA ILE A 36 2.99 -1.16 3.27
C ILE A 36 3.10 0.16 2.53
N TYR A 37 1.98 0.62 1.97
CA TYR A 37 1.98 1.77 1.07
C TYR A 37 1.53 3.03 1.79
N ASP A 38 2.38 4.06 1.75
CA ASP A 38 2.04 5.36 2.32
C ASP A 38 1.56 6.31 1.24
N ARG A 39 0.25 6.55 1.21
CA ARG A 39 -0.36 7.39 0.19
C ARG A 39 -0.11 8.87 0.48
N LYS A 40 0.27 9.62 -0.56
CA LYS A 40 0.25 11.08 -0.49
C LYS A 40 -1.13 11.60 -0.11
N PHE A 41 -2.17 10.97 -0.67
CA PHE A 41 -3.54 11.34 -0.36
C PHE A 41 -4.19 10.32 0.56
N LEU A 42 -3.41 9.82 1.53
CA LEU A 42 -3.92 8.83 2.48
C LEU A 42 -5.12 9.37 3.24
N LEU A 43 -6.23 8.63 3.17
CA LEU A 43 -7.45 9.02 3.88
C LEU A 43 -7.40 8.58 5.34
N ASP A 44 -6.59 7.57 5.61
CA ASP A 44 -6.41 7.08 6.98
C ASP A 44 -5.67 8.10 7.84
N ARG A 45 -6.38 8.66 8.81
CA ARG A 45 -5.80 9.66 9.71
C ARG A 45 -4.77 9.02 10.64
N PRO A 1 8.73 -10.30 6.76
CA PRO A 1 9.40 -9.08 6.31
C PRO A 1 8.40 -8.11 5.68
N THR A 2 8.67 -6.82 5.82
CA THR A 2 7.80 -5.80 5.25
C THR A 2 8.61 -4.77 4.45
N ARG A 3 7.91 -3.94 3.68
CA ARG A 3 8.56 -2.90 2.90
C ARG A 3 7.73 -1.62 2.89
N THR A 4 8.36 -0.50 3.20
CA THR A 4 7.67 0.77 3.26
C THR A 4 7.76 1.53 1.94
N VAL A 5 6.62 1.72 1.30
CA VAL A 5 6.55 2.47 0.05
C VAL A 5 5.54 3.61 0.14
N ALA A 6 6.01 4.83 -0.14
CA ALA A 6 5.13 5.99 -0.15
C ALA A 6 4.50 6.20 -1.51
N ILE A 7 3.22 6.55 -1.52
CA ILE A 7 2.49 6.75 -2.76
C ILE A 7 1.65 8.03 -2.70
N SER A 8 1.15 8.46 -3.85
CA SER A 8 0.28 9.63 -3.93
C SER A 8 -1.18 9.21 -4.04
N ASP A 9 -1.42 8.03 -4.61
CA ASP A 9 -2.77 7.54 -4.80
C ASP A 9 -2.77 6.04 -5.11
N ALA A 10 -3.91 5.40 -4.91
CA ALA A 10 -4.05 3.98 -5.22
C ALA A 10 -4.19 3.77 -6.73
N ALA A 11 -4.42 4.85 -7.46
CA ALA A 11 -4.48 4.79 -8.91
C ALA A 11 -3.14 4.35 -9.51
N GLN A 12 -2.08 4.55 -8.74
CA GLN A 12 -0.73 4.19 -9.20
C GLN A 12 -0.40 2.74 -8.83
N LEU A 13 -1.30 2.08 -8.12
CA LEU A 13 -1.09 0.72 -7.69
C LEU A 13 -1.74 -0.28 -8.65
N PRO A 14 -1.26 -1.52 -8.61
CA PRO A 14 -1.87 -2.58 -9.41
C PRO A 14 -3.27 -2.92 -8.91
N HIS A 15 -3.88 -3.93 -9.51
CA HIS A 15 -5.21 -4.38 -9.11
C HIS A 15 -5.13 -5.53 -8.11
N ASP A 16 -3.92 -5.79 -7.63
CA ASP A 16 -3.69 -6.92 -6.73
C ASP A 16 -3.13 -6.45 -5.39
N TYR A 17 -3.94 -5.68 -4.67
CA TYR A 17 -3.56 -5.24 -3.33
C TYR A 17 -4.76 -5.26 -2.39
N CYS A 18 -4.51 -5.08 -1.10
CA CYS A 18 -5.56 -5.04 -0.10
C CYS A 18 -5.43 -3.81 0.79
N THR A 19 -6.41 -3.62 1.67
CA THR A 19 -6.38 -2.50 2.62
C THR A 19 -7.11 -2.86 3.91
N PRO A 21 -9.24 -1.67 7.53
CA PRO A 21 -10.34 -0.77 7.85
C PRO A 21 -9.82 0.63 8.17
N GLY A 22 -8.61 0.70 8.70
CA GLY A 22 -7.99 1.99 9.04
C GLY A 22 -7.72 2.82 7.80
N GLY A 23 -7.53 2.15 6.67
CA GLY A 23 -7.34 2.83 5.40
C GLY A 23 -5.91 2.70 4.91
N THR A 24 -5.17 1.75 5.48
CA THR A 24 -3.80 1.50 5.09
C THR A 24 -3.72 0.40 4.03
N LEU A 25 -3.16 0.74 2.88
CA LEU A 25 -3.03 -0.22 1.78
C LEU A 25 -1.77 -1.07 1.92
N PHE A 26 -1.82 -2.28 1.40
CA PHE A 26 -0.67 -3.18 1.42
C PHE A 26 -0.80 -4.26 0.36
N SER A 27 0.34 -4.74 -0.13
CA SER A 27 0.36 -5.85 -1.06
C SER A 27 1.58 -6.75 -0.84
N THR A 28 1.34 -8.04 -0.72
CA THR A 28 2.42 -8.99 -0.47
C THR A 28 3.01 -9.51 -1.77
N PRO A 30 5.40 -12.94 -3.67
CA PRO A 30 5.63 -14.38 -3.57
C PRO A 30 6.77 -14.69 -2.60
N GLY A 31 7.71 -13.76 -2.49
CA GLY A 31 8.86 -13.93 -1.60
C GLY A 31 8.43 -13.99 -0.15
N GLY A 32 7.31 -13.34 0.16
CA GLY A 32 6.76 -13.36 1.50
C GLY A 32 6.88 -11.98 2.16
N THR A 33 7.24 -10.98 1.37
CA THR A 33 7.38 -9.63 1.88
C THR A 33 6.10 -8.83 1.67
N ARG A 34 5.63 -8.18 2.73
CA ARG A 34 4.45 -7.32 2.65
C ARG A 34 4.85 -5.87 2.39
N ILE A 35 4.47 -5.37 1.22
CA ILE A 35 4.71 -3.96 0.88
C ILE A 35 3.59 -3.07 1.39
N ILE A 36 3.88 -2.29 2.42
CA ILE A 36 2.89 -1.41 3.02
C ILE A 36 2.93 -0.02 2.40
N TYR A 37 1.78 0.43 1.90
CA TYR A 37 1.70 1.65 1.11
C TYR A 37 1.22 2.82 1.95
N ASP A 38 2.05 3.85 2.06
CA ASP A 38 1.67 5.08 2.77
C ASP A 38 1.23 6.17 1.80
N ARG A 39 -0.08 6.40 1.74
CA ARG A 39 -0.64 7.38 0.81
C ARG A 39 -0.58 8.78 1.39
N LYS A 40 0.24 9.63 0.78
CA LYS A 40 0.38 11.01 1.25
C LYS A 40 -0.96 11.71 1.31
N PHE A 41 -1.81 11.45 0.32
CA PHE A 41 -3.09 12.14 0.20
C PHE A 41 -4.25 11.24 0.57
N LEU A 42 -4.01 10.35 1.53
CA LEU A 42 -5.04 9.42 1.99
C LEU A 42 -6.30 10.15 2.43
N LEU A 43 -7.41 9.85 1.77
CA LEU A 43 -8.70 10.47 2.10
C LEU A 43 -9.43 9.68 3.18
N ASP A 44 -8.99 8.45 3.41
CA ASP A 44 -9.57 7.61 4.44
C ASP A 44 -9.25 8.14 5.83
N ARG A 45 -10.22 8.04 6.74
CA ARG A 45 -10.05 8.51 8.10
C ARG A 45 -9.06 7.63 8.87
N PRO A 1 8.61 -10.33 6.71
CA PRO A 1 9.28 -9.09 6.35
C PRO A 1 8.29 -8.07 5.80
N THR A 2 8.58 -6.80 6.00
CA THR A 2 7.74 -5.72 5.50
C THR A 2 8.55 -4.69 4.73
N ARG A 3 7.86 -3.82 4.00
CA ARG A 3 8.51 -2.76 3.24
C ARG A 3 7.67 -1.49 3.22
N THR A 4 8.31 -0.35 3.47
CA THR A 4 7.62 0.92 3.46
C THR A 4 7.81 1.65 2.13
N VAL A 5 6.72 1.88 1.42
CA VAL A 5 6.77 2.59 0.14
C VAL A 5 5.76 3.72 0.10
N ALA A 6 6.22 4.90 -0.27
CA ALA A 6 5.33 6.06 -0.42
C ALA A 6 4.76 6.13 -1.83
N ILE A 7 3.46 6.44 -1.92
CA ILE A 7 2.78 6.46 -3.21
C ILE A 7 1.90 7.71 -3.33
N SER A 8 1.47 8.00 -4.55
CA SER A 8 0.61 9.15 -4.80
C SER A 8 -0.86 8.80 -4.61
N ASP A 9 -1.24 7.60 -5.06
CA ASP A 9 -2.63 7.15 -4.95
C ASP A 9 -2.72 5.65 -5.14
N ALA A 10 -3.89 5.09 -4.81
CA ALA A 10 -4.15 3.68 -5.01
C ALA A 10 -4.18 3.33 -6.50
N ALA A 11 -4.42 4.35 -7.32
CA ALA A 11 -4.38 4.18 -8.77
C ALA A 11 -2.99 3.78 -9.24
N GLN A 12 -1.98 4.05 -8.41
CA GLN A 12 -0.60 3.75 -8.75
C GLN A 12 -0.22 2.34 -8.33
N LEU A 13 -1.17 1.65 -7.69
CA LEU A 13 -0.93 0.28 -7.22
C LEU A 13 -1.52 -0.74 -8.18
N PRO A 14 -0.89 -1.90 -8.25
CA PRO A 14 -1.45 -3.04 -8.97
C PRO A 14 -2.87 -3.36 -8.46
N HIS A 15 -3.73 -3.79 -9.38
CA HIS A 15 -5.16 -3.89 -9.10
C HIS A 15 -5.42 -4.88 -7.98
N ASP A 16 -4.45 -5.73 -7.70
CA ASP A 16 -4.61 -6.78 -6.69
C ASP A 16 -4.12 -6.30 -5.32
N TYR A 17 -3.94 -4.99 -5.19
CA TYR A 17 -3.58 -4.40 -3.91
C TYR A 17 -4.66 -4.62 -2.87
N CYS A 18 -4.29 -4.51 -1.59
CA CYS A 18 -5.22 -4.71 -0.50
C CYS A 18 -5.24 -3.52 0.44
N THR A 19 -6.23 -3.49 1.33
CA THR A 19 -6.36 -2.39 2.30
C THR A 19 -7.02 -2.88 3.58
N PRO A 21 -9.23 -2.07 7.27
CA PRO A 21 -10.43 -1.31 7.63
C PRO A 21 -10.09 0.13 7.95
N GLY A 22 -8.88 0.35 8.49
CA GLY A 22 -8.42 1.69 8.82
C GLY A 22 -8.26 2.55 7.57
N GLY A 23 -7.91 1.91 6.46
CA GLY A 23 -7.79 2.60 5.18
C GLY A 23 -6.35 2.65 4.72
N THR A 24 -5.50 1.84 5.34
CA THR A 24 -4.09 1.77 4.96
C THR A 24 -3.87 0.76 3.85
N LEU A 25 -3.16 1.17 2.81
CA LEU A 25 -2.92 0.32 1.65
C LEU A 25 -1.70 -0.57 1.87
N PHE A 26 -1.76 -1.78 1.32
CA PHE A 26 -0.62 -2.68 1.36
C PHE A 26 -0.72 -3.75 0.28
N SER A 27 0.41 -4.37 -0.05
CA SER A 27 0.42 -5.51 -0.96
C SER A 27 1.56 -6.47 -0.61
N THR A 28 1.24 -7.74 -0.49
CA THR A 28 2.24 -8.76 -0.18
C THR A 28 2.68 -9.51 -1.43
N PRO A 30 4.93 -12.38 -3.73
CA PRO A 30 5.09 -13.83 -3.67
C PRO A 30 6.26 -14.21 -2.75
N GLY A 31 7.24 -13.32 -2.66
CA GLY A 31 8.42 -13.56 -1.83
C GLY A 31 8.04 -13.63 -0.36
N GLY A 32 6.95 -12.96 0.00
CA GLY A 32 6.43 -12.99 1.36
C GLY A 32 6.64 -11.66 2.07
N THR A 33 7.03 -10.65 1.31
CA THR A 33 7.25 -9.32 1.86
C THR A 33 5.99 -8.47 1.77
N ARG A 34 5.52 -7.99 2.92
CA ARG A 34 4.36 -7.13 2.96
C ARG A 34 4.74 -5.67 2.74
N ILE A 35 4.45 -5.15 1.55
CA ILE A 35 4.74 -3.77 1.22
C ILE A 35 3.62 -2.84 1.67
N ILE A 36 3.86 -2.11 2.75
CA ILE A 36 2.87 -1.17 3.28
C ILE A 36 3.03 0.20 2.64
N TYR A 37 1.94 0.70 2.08
CA TYR A 37 1.99 1.90 1.24
C TYR A 37 1.52 3.13 2.01
N ASP A 38 2.34 4.17 1.98
CA ASP A 38 1.95 5.47 2.55
C ASP A 38 1.41 6.39 1.47
N ARG A 39 0.10 6.56 1.45
CA ARG A 39 -0.57 7.34 0.40
C ARG A 39 -0.45 8.82 0.65
N LYS A 40 -0.05 9.57 -0.38
CA LYS A 40 -0.02 11.03 -0.31
C LYS A 40 -1.33 11.58 0.23
N PHE A 41 -2.43 10.98 -0.19
CA PHE A 41 -3.76 11.44 0.23
C PHE A 41 -4.40 10.44 1.19
N LEU A 42 -3.57 9.79 2.01
CA LEU A 42 -4.06 8.80 2.95
C LEU A 42 -5.07 9.40 3.92
N LEU A 43 -6.27 8.84 3.95
CA LEU A 43 -7.33 9.33 4.82
C LEU A 43 -7.20 8.71 6.22
N ASP A 44 -6.41 7.65 6.33
CA ASP A 44 -6.15 7.01 7.62
C ASP A 44 -5.14 7.80 8.44
N ARG A 45 -5.64 8.52 9.43
CA ARG A 45 -4.78 9.32 10.30
C ARG A 45 -3.94 8.43 11.21
N PRO A 1 8.63 -10.55 6.10
CA PRO A 1 9.25 -9.23 6.15
C PRO A 1 8.24 -8.14 5.78
N THR A 2 8.49 -6.93 6.27
CA THR A 2 7.60 -5.82 6.01
C THR A 2 8.36 -4.60 5.49
N ARG A 3 7.78 -3.92 4.51
CA ARG A 3 8.42 -2.75 3.91
C ARG A 3 7.46 -1.57 3.86
N THR A 4 8.01 -0.36 3.70
CA THR A 4 7.20 0.84 3.62
C THR A 4 7.52 1.64 2.36
N VAL A 5 6.49 1.91 1.56
CA VAL A 5 6.65 2.65 0.32
C VAL A 5 5.64 3.78 0.22
N ALA A 6 6.14 4.98 -0.07
CA ALA A 6 5.27 6.14 -0.28
C ALA A 6 4.78 6.20 -1.72
N ILE A 7 3.50 6.51 -1.89
CA ILE A 7 2.88 6.51 -3.21
C ILE A 7 2.02 7.76 -3.41
N SER A 8 1.66 8.03 -4.67
CA SER A 8 0.83 9.18 -4.99
C SER A 8 -0.65 8.85 -4.86
N ASP A 9 -1.02 7.65 -5.30
CA ASP A 9 -2.41 7.22 -5.28
C ASP A 9 -2.53 5.71 -5.39
N ALA A 10 -3.69 5.18 -5.01
CA ALA A 10 -3.96 3.75 -5.14
C ALA A 10 -4.00 3.33 -6.60
N ALA A 11 -4.27 4.29 -7.48
CA ALA A 11 -4.26 4.04 -8.92
C ALA A 11 -2.87 3.64 -9.39
N GLN A 12 -1.86 3.98 -8.60
CA GLN A 12 -0.48 3.69 -8.96
C GLN A 12 -0.07 2.29 -8.50
N LEU A 13 -0.97 1.62 -7.79
CA LEU A 13 -0.71 0.28 -7.28
C LEU A 13 -1.21 -0.78 -8.25
N PRO A 14 -0.45 -1.86 -8.39
CA PRO A 14 -0.91 -3.04 -9.12
C PRO A 14 -2.26 -3.52 -8.59
N HIS A 15 -3.12 -3.94 -9.50
CA HIS A 15 -4.50 -4.26 -9.16
C HIS A 15 -4.58 -5.05 -7.86
N ASP A 16 -3.67 -5.99 -7.68
CA ASP A 16 -3.65 -6.85 -6.51
C ASP A 16 -3.15 -6.10 -5.28
N TYR A 17 -4.03 -5.30 -4.68
CA TYR A 17 -3.72 -4.65 -3.41
C TYR A 17 -4.94 -4.65 -2.49
N CYS A 18 -4.70 -4.37 -1.22
CA CYS A 18 -5.76 -4.39 -0.21
C CYS A 18 -5.65 -3.22 0.75
N THR A 19 -6.68 -3.01 1.56
CA THR A 19 -6.62 -2.04 2.64
C THR A 19 -6.88 -2.69 3.98
N PRO A 21 -8.38 -2.47 8.03
CA PRO A 21 -9.63 -1.99 8.63
C PRO A 21 -9.57 -0.49 8.89
N GLY A 22 -8.38 0.01 9.19
CA GLY A 22 -8.16 1.44 9.38
C GLY A 22 -8.24 2.19 8.06
N GLY A 23 -7.80 1.53 6.99
CA GLY A 23 -7.91 2.10 5.65
C GLY A 23 -6.55 2.45 5.08
N THR A 24 -5.53 1.66 5.44
CA THR A 24 -4.18 1.86 4.92
C THR A 24 -3.87 0.84 3.83
N LEU A 25 -3.31 1.32 2.72
CA LEU A 25 -3.00 0.47 1.60
C LEU A 25 -1.84 -0.48 1.92
N PHE A 26 -1.93 -1.71 1.42
CA PHE A 26 -0.80 -2.63 1.45
C PHE A 26 -0.93 -3.70 0.37
N SER A 27 0.19 -4.32 0.03
CA SER A 27 0.19 -5.45 -0.89
C SER A 27 1.33 -6.41 -0.59
N THR A 28 1.05 -7.70 -0.68
CA THR A 28 2.06 -8.73 -0.42
C THR A 28 2.49 -9.42 -1.70
N PRO A 30 4.73 -12.18 -4.18
CA PRO A 30 4.89 -13.63 -4.19
C PRO A 30 6.03 -14.07 -3.28
N GLY A 31 7.03 -13.20 -3.14
CA GLY A 31 8.18 -13.49 -2.29
C GLY A 31 7.78 -13.60 -0.83
N GLY A 32 6.69 -12.94 -0.46
CA GLY A 32 6.16 -13.02 0.90
C GLY A 32 6.30 -11.69 1.63
N THR A 33 6.97 -10.75 0.98
CA THR A 33 7.19 -9.43 1.58
C THR A 33 5.90 -8.60 1.56
N ARG A 34 5.50 -8.12 2.74
CA ARG A 34 4.34 -7.26 2.85
C ARG A 34 4.73 -5.79 2.77
N ILE A 35 4.32 -5.14 1.68
CA ILE A 35 4.62 -3.72 1.49
C ILE A 35 3.44 -2.84 1.90
N ILE A 36 3.65 -2.05 2.94
CA ILE A 36 2.64 -1.09 3.38
C ILE A 36 2.83 0.27 2.72
N TYR A 37 1.77 0.80 2.14
CA TYR A 37 1.86 1.98 1.28
C TYR A 37 1.37 3.23 2.01
N ASP A 38 2.16 4.29 1.95
CA ASP A 38 1.74 5.59 2.47
C ASP A 38 1.26 6.51 1.35
N ARG A 39 -0.05 6.69 1.25
CA ARG A 39 -0.64 7.45 0.17
C ARG A 39 -0.53 8.95 0.43
N LYS A 40 -0.06 9.69 -0.57
CA LYS A 40 -0.02 11.15 -0.49
C LYS A 40 -1.34 11.71 -0.01
N PHE A 41 -2.44 11.13 -0.49
CA PHE A 41 -3.78 11.61 -0.14
C PHE A 41 -4.49 10.61 0.77
N LEU A 42 -3.72 9.93 1.61
CA LEU A 42 -4.29 8.92 2.50
C LEU A 42 -5.34 9.51 3.41
N LEU A 43 -6.56 8.98 3.33
CA LEU A 43 -7.66 9.44 4.16
C LEU A 43 -7.53 8.93 5.58
N ASP A 44 -6.83 7.80 5.73
CA ASP A 44 -6.59 7.23 7.06
C ASP A 44 -5.66 8.11 7.87
N ARG A 45 -6.21 8.74 8.91
CA ARG A 45 -5.42 9.62 9.78
C ARG A 45 -4.43 8.83 10.62
N PRO A 1 9.62 -10.46 6.07
CA PRO A 1 10.21 -9.14 5.87
C PRO A 1 9.15 -8.11 5.50
N THR A 2 9.39 -6.86 5.85
CA THR A 2 8.45 -5.79 5.58
C THR A 2 9.13 -4.60 4.91
N ARG A 3 8.47 -4.03 3.91
CA ARG A 3 9.02 -2.91 3.17
C ARG A 3 8.03 -1.75 3.08
N THR A 4 8.49 -0.54 3.34
CA THR A 4 7.63 0.63 3.30
C THR A 4 7.76 1.37 1.97
N VAL A 5 6.63 1.52 1.28
CA VAL A 5 6.60 2.24 0.00
C VAL A 5 5.58 3.36 0.03
N ALA A 6 6.03 4.58 -0.28
CA ALA A 6 5.14 5.72 -0.36
C ALA A 6 4.52 5.85 -1.75
N ILE A 7 3.27 6.30 -1.79
CA ILE A 7 2.55 6.45 -3.05
C ILE A 7 1.54 7.58 -2.98
N SER A 8 1.36 8.28 -4.09
CA SER A 8 0.39 9.37 -4.17
C SER A 8 -1.02 8.88 -3.85
N ASP A 9 -1.48 7.90 -4.63
CA ASP A 9 -2.83 7.36 -4.46
C ASP A 9 -2.84 5.86 -4.67
N ALA A 10 -3.89 5.20 -4.16
CA ALA A 10 -4.06 3.77 -4.34
C ALA A 10 -4.28 3.43 -5.81
N ALA A 11 -4.81 4.38 -6.56
CA ALA A 11 -5.01 4.21 -8.00
C ALA A 11 -3.68 4.03 -8.71
N GLN A 12 -2.61 4.49 -8.09
CA GLN A 12 -1.29 4.46 -8.71
C GLN A 12 -0.51 3.21 -8.30
N LEU A 13 -1.17 2.33 -7.55
CA LEU A 13 -0.56 1.09 -7.10
C LEU A 13 -0.91 -0.06 -8.04
N PRO A 14 0.12 -0.77 -8.51
CA PRO A 14 -0.09 -1.99 -9.28
C PRO A 14 -0.96 -2.98 -8.53
N HIS A 15 -1.89 -3.61 -9.25
CA HIS A 15 -2.76 -4.62 -8.67
C HIS A 15 -2.09 -5.99 -8.68
N ASP A 16 -2.51 -6.86 -7.77
CA ASP A 16 -3.55 -6.52 -6.82
C ASP A 16 -2.96 -6.04 -5.50
N TYR A 17 -3.82 -5.66 -4.57
CA TYR A 17 -3.39 -5.31 -3.22
C TYR A 17 -4.57 -5.26 -2.26
N CYS A 18 -4.28 -5.11 -0.97
CA CYS A 18 -5.32 -5.10 0.05
C CYS A 18 -5.40 -3.75 0.74
N THR A 19 -6.60 -3.39 1.18
CA THR A 19 -6.83 -2.14 1.89
C THR A 19 -7.92 -2.27 2.92
N PRO A 21 -10.67 -0.15 5.79
CA PRO A 21 -11.49 1.06 5.86
C PRO A 21 -10.70 2.22 6.48
N GLY A 22 -9.77 1.89 7.35
CA GLY A 22 -8.96 2.91 8.03
C GLY A 22 -8.10 3.67 7.04
N GLY A 23 -7.77 3.04 5.92
CA GLY A 23 -7.02 3.69 4.85
C GLY A 23 -5.61 3.11 4.76
N THR A 24 -5.37 2.01 5.46
CA THR A 24 -4.09 1.32 5.40
C THR A 24 -4.03 0.36 4.22
N LEU A 25 -2.98 0.49 3.41
CA LEU A 25 -2.81 -0.37 2.24
C LEU A 25 -1.58 -1.25 2.38
N PHE A 26 -1.67 -2.47 1.86
CA PHE A 26 -0.55 -3.41 1.91
C PHE A 26 -0.70 -4.51 0.86
N SER A 27 0.42 -5.08 0.45
CA SER A 27 0.40 -6.22 -0.46
C SER A 27 1.62 -7.11 -0.24
N THR A 28 1.40 -8.41 -0.14
CA THR A 28 2.48 -9.37 0.04
C THR A 28 2.80 -10.08 -1.28
N PRO A 30 4.91 -12.80 -3.89
CA PRO A 30 5.13 -14.24 -3.87
C PRO A 30 6.39 -14.60 -3.10
N GLY A 31 7.36 -13.68 -3.08
CA GLY A 31 8.60 -13.90 -2.38
C GLY A 31 8.39 -14.01 -0.88
N GLY A 32 7.32 -13.38 -0.40
CA GLY A 32 6.96 -13.46 1.01
C GLY A 32 7.19 -12.13 1.72
N THR A 33 7.50 -11.11 0.94
CA THR A 33 7.74 -9.78 1.49
C THR A 33 6.46 -8.96 1.54
N ARG A 34 6.13 -8.44 2.72
CA ARG A 34 4.94 -7.62 2.89
C ARG A 34 5.25 -6.14 2.69
N ILE A 35 4.68 -5.57 1.63
CA ILE A 35 4.88 -4.15 1.33
C ILE A 35 3.76 -3.30 1.92
N ILE A 36 4.11 -2.39 2.82
CA ILE A 36 3.15 -1.47 3.40
C ILE A 36 3.14 -0.14 2.68
N TYR A 37 1.96 0.27 2.21
CA TYR A 37 1.85 1.43 1.33
C TYR A 37 1.36 2.65 2.11
N ASP A 38 2.08 3.76 1.97
CA ASP A 38 1.68 5.02 2.58
C ASP A 38 1.07 5.97 1.56
N ARG A 39 -0.24 6.11 1.59
CA ARG A 39 -0.95 6.94 0.63
C ARG A 39 -0.87 8.41 1.02
N LYS A 40 -0.22 9.21 0.18
CA LYS A 40 0.01 10.62 0.47
C LYS A 40 -1.30 11.41 0.46
N PHE A 41 -2.17 11.05 -0.48
CA PHE A 41 -3.46 11.73 -0.61
C PHE A 41 -4.59 10.87 -0.09
N LEU A 42 -4.36 10.21 1.04
CA LEU A 42 -5.37 9.37 1.66
C LEU A 42 -6.59 10.17 2.07
N LEU A 43 -7.76 9.76 1.57
CA LEU A 43 -9.01 10.44 1.90
C LEU A 43 -9.66 9.83 3.14
N ASP A 44 -9.31 8.59 3.43
CA ASP A 44 -9.83 7.90 4.61
C ASP A 44 -9.25 8.49 5.88
N ARG A 45 -10.06 8.52 6.94
CA ARG A 45 -9.63 9.06 8.21
C ARG A 45 -8.63 8.14 8.90
N PRO A 1 9.39 -10.75 6.77
CA PRO A 1 9.99 -9.47 6.41
C PRO A 1 8.93 -8.48 5.93
N THR A 2 9.05 -7.23 6.38
CA THR A 2 8.11 -6.20 5.99
C THR A 2 8.84 -4.94 5.52
N ARG A 3 8.15 -4.13 4.72
CA ARG A 3 8.70 -2.84 4.29
C ARG A 3 7.58 -1.84 4.04
N THR A 4 7.95 -0.56 3.93
CA THR A 4 6.98 0.50 3.72
C THR A 4 7.33 1.33 2.49
N VAL A 5 6.36 1.53 1.62
CA VAL A 5 6.54 2.35 0.43
C VAL A 5 5.58 3.53 0.41
N ALA A 6 6.10 4.73 0.21
CA ALA A 6 5.28 5.93 0.13
C ALA A 6 4.71 6.11 -1.28
N ILE A 7 3.45 6.50 -1.34
CA ILE A 7 2.78 6.71 -2.62
C ILE A 7 2.01 8.03 -2.65
N SER A 8 1.59 8.44 -3.83
CA SER A 8 0.81 9.67 -3.98
C SER A 8 -0.60 9.36 -4.45
N ASP A 9 -0.77 8.21 -5.10
CA ASP A 9 -2.06 7.83 -5.67
C ASP A 9 -2.24 6.32 -5.66
N ALA A 10 -3.08 5.84 -4.74
CA ALA A 10 -3.31 4.41 -4.60
C ALA A 10 -4.04 3.85 -5.81
N ALA A 11 -4.73 4.72 -6.53
CA ALA A 11 -5.50 4.30 -7.70
C ALA A 11 -4.59 3.79 -8.80
N GLN A 12 -3.33 4.21 -8.77
CA GLN A 12 -2.37 3.82 -9.79
C GLN A 12 -1.73 2.47 -9.48
N LEU A 13 -2.06 1.93 -8.31
CA LEU A 13 -1.55 0.63 -7.90
C LEU A 13 -2.44 -0.50 -8.39
N PRO A 14 -1.85 -1.68 -8.57
CA PRO A 14 -2.61 -2.86 -8.94
C PRO A 14 -3.82 -3.06 -8.02
N HIS A 15 -4.90 -3.56 -8.57
CA HIS A 15 -6.17 -3.62 -7.86
C HIS A 15 -6.32 -4.94 -7.11
N ASP A 16 -5.32 -5.81 -7.23
CA ASP A 16 -5.27 -7.03 -6.46
C ASP A 16 -4.64 -6.79 -5.10
N TYR A 17 -4.34 -5.53 -4.80
CA TYR A 17 -3.87 -5.14 -3.47
C TYR A 17 -5.00 -5.24 -2.46
N CYS A 18 -4.64 -5.31 -1.18
CA CYS A 18 -5.61 -5.33 -0.09
C CYS A 18 -5.59 -4.02 0.69
N THR A 19 -6.70 -3.72 1.34
CA THR A 19 -6.84 -2.47 2.07
C THR A 19 -7.43 -2.69 3.45
N PRO A 21 -9.17 -1.41 7.20
CA PRO A 21 -10.30 -0.55 7.54
C PRO A 21 -9.88 0.91 7.65
N GLY A 22 -8.62 1.13 8.02
CA GLY A 22 -8.09 2.48 8.17
C GLY A 22 -7.96 3.17 6.82
N GLY A 23 -7.83 2.38 5.77
CA GLY A 23 -7.77 2.90 4.40
C GLY A 23 -6.34 2.91 3.88
N THR A 24 -5.56 1.92 4.31
CA THR A 24 -4.18 1.80 3.86
C THR A 24 -3.99 0.54 3.02
N LEU A 25 -3.38 0.70 1.85
CA LEU A 25 -3.14 -0.44 0.95
C LEU A 25 -1.92 -1.24 1.39
N PHE A 26 -1.94 -2.53 1.11
CA PHE A 26 -0.77 -3.38 1.34
C PHE A 26 -0.79 -4.60 0.42
N SER A 27 0.39 -5.15 0.15
CA SER A 27 0.51 -6.34 -0.69
C SER A 27 1.63 -7.24 -0.20
N THR A 28 1.78 -8.38 -0.86
CA THR A 28 2.87 -9.31 -0.53
C THR A 28 3.47 -9.92 -1.80
N PRO A 30 6.13 -12.46 -4.08
CA PRO A 30 6.37 -13.89 -4.12
C PRO A 30 7.46 -14.31 -3.14
N GLY A 31 8.40 -13.39 -2.89
CA GLY A 31 9.51 -13.66 -1.98
C GLY A 31 9.01 -13.85 -0.56
N GLY A 32 7.87 -13.25 -0.24
CA GLY A 32 7.26 -13.40 1.07
C GLY A 32 7.40 -12.12 1.89
N THR A 33 7.75 -11.03 1.22
CA THR A 33 7.90 -9.74 1.89
C THR A 33 6.63 -8.92 1.79
N ARG A 34 6.17 -8.41 2.94
CA ARG A 34 4.97 -7.58 2.98
C ARG A 34 5.29 -6.12 2.73
N ILE A 35 4.46 -5.46 1.93
CA ILE A 35 4.67 -4.06 1.60
C ILE A 35 3.46 -3.22 2.00
N ILE A 36 3.69 -2.26 2.91
CA ILE A 36 2.64 -1.32 3.30
C ILE A 36 2.75 -0.02 2.51
N TYR A 37 1.65 0.37 1.87
CA TYR A 37 1.65 1.51 0.97
C TYR A 37 1.05 2.74 1.63
N ASP A 38 1.91 3.69 1.98
CA ASP A 38 1.48 4.88 2.72
C ASP A 38 1.23 6.05 1.78
N ARG A 39 -0.04 6.38 1.57
CA ARG A 39 -0.41 7.48 0.68
C ARG A 39 -0.30 8.81 1.40
N LYS A 40 0.54 9.70 0.88
CA LYS A 40 0.75 11.01 1.47
C LYS A 40 -0.47 11.90 1.32
N PHE A 41 -1.24 11.66 0.26
CA PHE A 41 -2.47 12.40 0.02
C PHE A 41 -3.50 12.13 1.12
N LEU A 42 -3.62 10.85 1.50
CA LEU A 42 -4.57 10.46 2.54
C LEU A 42 -3.89 10.42 3.91
N LEU A 43 -2.60 10.71 3.93
CA LEU A 43 -1.84 10.74 5.18
C LEU A 43 -1.99 9.43 5.94
N ASP A 44 -1.83 8.32 5.24
CA ASP A 44 -1.99 7.00 5.85
C ASP A 44 -1.09 6.84 7.06
N ARG A 45 -1.64 6.29 8.14
CA ARG A 45 -0.88 6.11 9.38
C ARG A 45 -0.20 4.76 9.41
N PRO A 1 8.79 -9.90 6.94
CA PRO A 1 9.47 -8.75 6.34
C PRO A 1 8.48 -7.64 6.01
N THR A 2 8.81 -6.42 6.43
CA THR A 2 7.94 -5.28 6.19
C THR A 2 8.68 -4.21 5.37
N ARG A 3 8.07 -3.81 4.25
CA ARG A 3 8.63 -2.79 3.40
C ARG A 3 7.77 -1.53 3.41
N THR A 4 8.40 -0.38 3.64
CA THR A 4 7.68 0.89 3.67
C THR A 4 7.82 1.62 2.35
N VAL A 5 6.70 1.80 1.66
CA VAL A 5 6.67 2.55 0.41
C VAL A 5 5.67 3.70 0.48
N ALA A 6 6.12 4.89 0.12
CA ALA A 6 5.25 6.06 0.10
C ALA A 6 4.68 6.30 -1.30
N ILE A 7 3.39 6.58 -1.36
CA ILE A 7 2.72 6.82 -2.64
C ILE A 7 1.88 8.10 -2.58
N SER A 8 1.43 8.56 -3.75
CA SER A 8 0.61 9.76 -3.84
C SER A 8 -0.84 9.41 -4.15
N ASP A 9 -1.05 8.29 -4.82
CA ASP A 9 -2.37 7.88 -5.25
C ASP A 9 -2.48 6.37 -5.38
N ALA A 10 -3.27 5.76 -4.50
CA ALA A 10 -3.43 4.31 -4.50
C ALA A 10 -4.12 3.83 -5.78
N ALA A 11 -4.86 4.73 -6.41
CA ALA A 11 -5.58 4.40 -7.64
C ALA A 11 -4.61 4.11 -8.78
N GLN A 12 -3.37 4.59 -8.64
CA GLN A 12 -2.35 4.40 -9.66
C GLN A 12 -1.62 3.07 -9.46
N LEU A 13 -1.93 2.39 -8.36
CA LEU A 13 -1.33 1.09 -8.07
C LEU A 13 -2.24 -0.04 -8.49
N PRO A 14 -1.67 -1.24 -8.63
CA PRO A 14 -2.44 -2.42 -8.99
C PRO A 14 -3.62 -2.62 -8.05
N HIS A 15 -4.73 -3.12 -8.61
CA HIS A 15 -5.98 -3.17 -7.86
C HIS A 15 -6.19 -4.54 -7.24
N ASP A 16 -5.25 -5.45 -7.47
CA ASP A 16 -5.24 -6.74 -6.78
C ASP A 16 -4.57 -6.63 -5.42
N TYR A 17 -4.17 -5.41 -5.05
CA TYR A 17 -3.66 -5.14 -3.72
C TYR A 17 -4.79 -5.12 -2.68
N CYS A 18 -4.43 -5.22 -1.42
CA CYS A 18 -5.42 -5.27 -0.35
C CYS A 18 -5.30 -4.05 0.56
N THR A 19 -6.41 -3.64 1.14
CA THR A 19 -6.43 -2.49 2.05
C THR A 19 -6.74 -2.92 3.48
N PRO A 21 -8.35 -1.93 7.40
CA PRO A 21 -9.57 -1.28 7.87
C PRO A 21 -9.40 0.23 7.90
N GLY A 22 -8.17 0.68 8.16
CA GLY A 22 -7.86 2.11 8.18
C GLY A 22 -7.89 2.70 6.77
N GLY A 23 -7.59 1.85 5.78
CA GLY A 23 -7.71 2.24 4.38
C GLY A 23 -6.33 2.40 3.73
N THR A 24 -5.35 1.69 4.27
CA THR A 24 -4.00 1.73 3.73
C THR A 24 -3.73 0.55 2.82
N LEU A 25 -3.28 0.83 1.60
CA LEU A 25 -3.00 -0.22 0.62
C LEU A 25 -1.74 -0.99 0.98
N PHE A 26 -1.74 -2.29 0.73
CA PHE A 26 -0.55 -3.11 0.89
C PHE A 26 -0.58 -4.32 -0.05
N SER A 27 0.58 -4.95 -0.22
CA SER A 27 0.67 -6.14 -1.05
C SER A 27 1.66 -7.15 -0.45
N THR A 28 1.61 -8.37 -0.96
CA THR A 28 2.54 -9.42 -0.52
C THR A 28 3.10 -10.18 -1.71
N PRO A 30 5.66 -13.29 -3.47
CA PRO A 30 5.85 -14.72 -3.29
C PRO A 30 6.90 -15.00 -2.22
N GLY A 31 7.87 -14.11 -2.10
CA GLY A 31 8.95 -14.26 -1.12
C GLY A 31 8.41 -14.21 0.30
N GLY A 32 7.29 -13.53 0.48
CA GLY A 32 6.63 -13.45 1.78
C GLY A 32 6.72 -12.04 2.36
N THR A 33 7.43 -11.16 1.66
CA THR A 33 7.58 -9.77 2.09
C THR A 33 6.26 -9.02 1.94
N ARG A 34 5.87 -8.33 3.01
CA ARG A 34 4.69 -7.48 2.99
C ARG A 34 5.06 -6.02 2.71
N ILE A 35 4.58 -5.49 1.60
CA ILE A 35 4.89 -4.11 1.22
C ILE A 35 3.71 -3.19 1.51
N ILE A 36 3.91 -2.26 2.43
CA ILE A 36 2.84 -1.34 2.84
C ILE A 36 2.97 -0.01 2.13
N TYR A 37 1.87 0.45 1.55
CA TYR A 37 1.88 1.66 0.73
C TYR A 37 1.21 2.82 1.43
N ASP A 38 2.01 3.69 2.02
CA ASP A 38 1.49 4.84 2.76
C ASP A 38 1.20 6.01 1.82
N ARG A 39 -0.07 6.31 1.63
CA ARG A 39 -0.48 7.40 0.74
C ARG A 39 -0.40 8.75 1.45
N LYS A 40 0.44 9.63 0.95
CA LYS A 40 0.62 10.96 1.54
C LYS A 40 -0.72 11.68 1.67
N PHE A 41 -1.57 11.52 0.66
CA PHE A 41 -2.84 12.24 0.60
C PHE A 41 -4.01 11.29 0.86
N LEU A 42 -3.80 10.31 1.73
CA LEU A 42 -4.83 9.33 2.04
C LEU A 42 -6.06 10.01 2.64
N LEU A 43 -7.20 9.84 1.97
CA LEU A 43 -8.46 10.39 2.46
C LEU A 43 -9.30 9.32 3.13
N ASP A 44 -8.89 8.06 2.99
CA ASP A 44 -9.60 6.94 3.59
C ASP A 44 -9.46 6.94 5.09
N ARG A 45 -8.29 7.35 5.57
CA ARG A 45 -8.02 7.39 7.01
C ARG A 45 -8.35 8.76 7.59
N PRO A 1 9.28 -10.50 6.53
CA PRO A 1 9.81 -9.16 6.36
C PRO A 1 8.74 -8.20 5.85
N THR A 2 8.72 -6.99 6.42
CA THR A 2 7.77 -5.97 6.01
C THR A 2 8.45 -4.62 5.84
N ARG A 3 8.14 -3.94 4.74
CA ARG A 3 8.70 -2.62 4.47
C ARG A 3 7.60 -1.64 4.06
N THR A 4 7.76 -0.38 4.47
CA THR A 4 6.75 0.63 4.23
C THR A 4 7.27 1.71 3.30
N VAL A 5 6.53 1.99 2.23
CA VAL A 5 6.86 3.07 1.32
C VAL A 5 5.69 4.03 1.16
N ALA A 6 5.99 5.25 0.73
CA ALA A 6 4.96 6.26 0.50
C ALA A 6 4.58 6.34 -0.97
N ILE A 7 3.29 6.39 -1.25
CA ILE A 7 2.80 6.43 -2.62
C ILE A 7 1.96 7.68 -2.87
N SER A 8 2.33 8.42 -3.92
CA SER A 8 1.69 9.69 -4.21
C SER A 8 0.27 9.49 -4.71
N ASP A 9 0.03 8.37 -5.37
CA ASP A 9 -1.31 8.03 -5.85
C ASP A 9 -1.51 6.53 -5.92
N ALA A 10 -2.09 5.96 -4.86
CA ALA A 10 -2.23 4.51 -4.75
C ALA A 10 -3.26 3.98 -5.75
N ALA A 11 -4.05 4.89 -6.31
CA ALA A 11 -5.03 4.53 -7.33
C ALA A 11 -4.35 4.02 -8.59
N GLN A 12 -3.08 4.37 -8.75
CA GLN A 12 -2.32 3.96 -9.92
C GLN A 12 -1.71 2.58 -9.72
N LEU A 13 -1.87 2.03 -8.51
CA LEU A 13 -1.36 0.71 -8.20
C LEU A 13 -2.36 -0.37 -8.59
N PRO A 14 -1.85 -1.58 -8.83
CA PRO A 14 -2.70 -2.72 -9.14
C PRO A 14 -3.82 -2.87 -8.11
N HIS A 15 -4.99 -3.31 -8.57
CA HIS A 15 -6.19 -3.29 -7.76
C HIS A 15 -6.40 -4.61 -7.04
N ASP A 16 -5.47 -5.55 -7.26
CA ASP A 16 -5.45 -6.80 -6.52
C ASP A 16 -4.73 -6.64 -5.19
N TYR A 17 -4.32 -5.41 -4.88
CA TYR A 17 -3.78 -5.09 -3.56
C TYR A 17 -4.88 -5.11 -2.50
N CYS A 18 -4.47 -5.21 -1.25
CA CYS A 18 -5.42 -5.31 -0.14
C CYS A 18 -5.33 -4.09 0.77
N THR A 19 -6.47 -3.70 1.33
CA THR A 19 -6.53 -2.52 2.20
C THR A 19 -6.97 -2.90 3.60
N PRO A 21 -8.36 -2.13 7.60
CA PRO A 21 -9.50 -1.41 8.14
C PRO A 21 -9.17 0.06 8.35
N GLY A 22 -7.90 0.34 8.64
CA GLY A 22 -7.45 1.71 8.86
C GLY A 22 -7.50 2.52 7.57
N GLY A 23 -7.35 1.84 6.45
CA GLY A 23 -7.45 2.48 5.14
C GLY A 23 -6.08 2.64 4.50
N THR A 24 -5.21 1.65 4.68
CA THR A 24 -3.89 1.66 4.07
C THR A 24 -3.72 0.48 3.12
N LEU A 25 -3.30 0.78 1.89
CA LEU A 25 -3.06 -0.26 0.90
C LEU A 25 -1.77 -1.01 1.18
N PHE A 26 -1.77 -2.32 0.90
CA PHE A 26 -0.57 -3.13 1.01
C PHE A 26 -0.62 -4.30 0.05
N SER A 27 0.53 -4.93 -0.17
CA SER A 27 0.62 -6.13 -1.00
C SER A 27 1.82 -6.99 -0.62
N THR A 28 1.61 -8.30 -0.63
CA THR A 28 2.69 -9.24 -0.30
C THR A 28 3.11 -10.03 -1.53
N PRO A 30 5.34 -12.95 -3.80
CA PRO A 30 5.49 -14.39 -3.70
C PRO A 30 6.66 -14.76 -2.80
N GLY A 31 7.66 -13.89 -2.74
CA GLY A 31 8.83 -14.14 -1.92
C GLY A 31 8.48 -14.17 -0.43
N GLY A 32 7.40 -13.48 -0.08
CA GLY A 32 6.91 -13.49 1.29
C GLY A 32 7.16 -12.15 1.97
N THR A 33 7.54 -11.16 1.18
CA THR A 33 7.80 -9.81 1.71
C THR A 33 6.57 -8.93 1.56
N ARG A 34 6.15 -8.33 2.67
CA ARG A 34 5.00 -7.43 2.68
C ARG A 34 5.43 -5.99 2.40
N ILE A 35 4.76 -5.35 1.46
CA ILE A 35 5.02 -3.94 1.16
C ILE A 35 3.81 -3.08 1.48
N ILE A 36 3.99 -2.12 2.38
CA ILE A 36 2.90 -1.22 2.78
C ILE A 36 2.95 0.07 1.98
N TYR A 37 1.78 0.53 1.54
CA TYR A 37 1.70 1.70 0.67
C TYR A 37 0.98 2.85 1.36
N ASP A 38 1.74 3.74 1.97
CA ASP A 38 1.18 4.88 2.69
C ASP A 38 0.76 5.98 1.72
N ARG A 39 -0.55 6.19 1.61
CA ARG A 39 -1.08 7.22 0.74
C ARG A 39 -0.60 8.60 1.14
N LYS A 40 0.01 9.31 0.20
CA LYS A 40 0.43 10.69 0.43
C LYS A 40 -0.73 11.56 0.90
N PHE A 41 -1.89 11.36 0.29
CA PHE A 41 -3.09 12.11 0.66
C PHE A 41 -4.35 11.30 0.40
N LEU A 42 -5.46 11.73 0.97
CA LEU A 42 -6.73 11.04 0.83
C LEU A 42 -7.20 11.05 -0.62
N LEU A 43 -7.37 9.87 -1.19
CA LEU A 43 -7.84 9.73 -2.56
C LEU A 43 -9.36 9.79 -2.64
N ASP A 44 -10.01 9.43 -1.52
CA ASP A 44 -11.46 9.47 -1.45
C ASP A 44 -11.97 10.86 -1.12
N ARG A 45 -11.94 11.75 -2.11
CA ARG A 45 -12.38 13.13 -1.92
C ARG A 45 -13.35 13.54 -3.03
N PRO A 1 9.01 -9.88 7.51
CA PRO A 1 9.57 -9.02 6.48
C PRO A 1 8.57 -7.96 6.04
N THR A 2 8.88 -6.70 6.38
CA THR A 2 7.99 -5.59 6.05
C THR A 2 8.75 -4.49 5.31
N ARG A 3 8.19 -4.05 4.18
CA ARG A 3 8.78 -2.97 3.41
C ARG A 3 7.89 -1.75 3.40
N THR A 4 8.46 -0.60 3.74
CA THR A 4 7.71 0.65 3.79
C THR A 4 7.85 1.44 2.50
N VAL A 5 6.73 1.59 1.80
CA VAL A 5 6.71 2.38 0.57
C VAL A 5 5.64 3.47 0.63
N ALA A 6 6.07 4.71 0.41
CA ALA A 6 5.14 5.83 0.36
C ALA A 6 4.60 6.04 -1.05
N ILE A 7 3.31 6.36 -1.14
CA ILE A 7 2.66 6.57 -2.43
C ILE A 7 1.91 7.88 -2.47
N SER A 8 1.63 8.37 -3.68
CA SER A 8 0.95 9.65 -3.85
C SER A 8 -0.51 9.45 -4.19
N ASP A 9 -0.82 8.31 -4.81
CA ASP A 9 -2.18 8.02 -5.27
C ASP A 9 -2.43 6.53 -5.34
N ALA A 10 -3.37 6.05 -4.54
CA ALA A 10 -3.68 4.62 -4.48
C ALA A 10 -4.29 4.14 -5.78
N ALA A 11 -4.88 5.06 -6.54
CA ALA A 11 -5.48 4.74 -7.82
C ALA A 11 -4.43 4.26 -8.82
N GLN A 12 -3.17 4.63 -8.58
CA GLN A 12 -2.09 4.26 -9.47
C GLN A 12 -1.52 2.89 -9.11
N LEU A 13 -2.01 2.33 -8.01
CA LEU A 13 -1.59 1.01 -7.57
C LEU A 13 -2.54 -0.07 -8.10
N PRO A 14 -1.98 -1.24 -8.39
CA PRO A 14 -2.79 -2.39 -8.81
C PRO A 14 -3.95 -2.62 -7.85
N HIS A 15 -5.08 -3.05 -8.39
CA HIS A 15 -6.31 -3.15 -7.61
C HIS A 15 -6.48 -4.55 -7.03
N ASP A 16 -5.50 -5.40 -7.26
CA ASP A 16 -5.44 -6.70 -6.60
C ASP A 16 -4.74 -6.61 -5.25
N TYR A 17 -4.38 -5.39 -4.86
CA TYR A 17 -3.85 -5.13 -3.53
C TYR A 17 -4.94 -5.26 -2.47
N CYS A 18 -4.52 -5.42 -1.22
CA CYS A 18 -5.45 -5.48 -0.11
C CYS A 18 -5.39 -4.20 0.74
N THR A 19 -6.46 -3.91 1.45
CA THR A 19 -6.54 -2.71 2.27
C THR A 19 -6.92 -3.04 3.70
N PRO A 21 -8.68 -1.70 7.47
CA PRO A 21 -9.88 -0.96 7.87
C PRO A 21 -9.60 0.54 7.85
N GLY A 22 -8.37 0.93 8.13
CA GLY A 22 -7.98 2.32 8.12
C GLY A 22 -7.96 2.89 6.71
N GLY A 23 -7.69 2.03 5.73
CA GLY A 23 -7.74 2.41 4.33
C GLY A 23 -6.35 2.50 3.74
N THR A 24 -5.43 1.70 4.27
CA THR A 24 -4.06 1.66 3.77
C THR A 24 -3.81 0.42 2.92
N LEU A 25 -3.23 0.61 1.74
CA LEU A 25 -2.96 -0.49 0.83
C LEU A 25 -1.75 -1.29 1.26
N PHE A 26 -1.77 -2.59 0.97
CA PHE A 26 -0.59 -3.44 1.16
C PHE A 26 -0.63 -4.65 0.23
N SER A 27 0.53 -5.19 -0.08
CA SER A 27 0.64 -6.39 -0.90
C SER A 27 1.75 -7.31 -0.41
N THR A 28 1.80 -8.51 -0.98
CA THR A 28 2.82 -9.49 -0.60
C THR A 28 3.43 -10.14 -1.83
N PRO A 30 6.12 -12.92 -3.84
CA PRO A 30 6.35 -14.37 -3.78
C PRO A 30 7.40 -14.70 -2.72
N GLY A 31 8.33 -13.77 -2.51
CA GLY A 31 9.40 -13.98 -1.53
C GLY A 31 8.84 -14.07 -0.12
N GLY A 32 7.69 -13.44 0.10
CA GLY A 32 7.02 -13.50 1.39
C GLY A 32 6.99 -12.12 2.05
N THR A 33 7.79 -11.20 1.52
CA THR A 33 7.86 -9.85 2.07
C THR A 33 6.56 -9.10 1.84
N ARG A 34 6.04 -8.50 2.90
CA ARG A 34 4.83 -7.68 2.81
C ARG A 34 5.18 -6.21 2.64
N ILE A 35 4.65 -5.59 1.59
CA ILE A 35 4.91 -4.19 1.31
C ILE A 35 3.73 -3.31 1.73
N ILE A 36 3.98 -2.37 2.63
CA ILE A 36 2.94 -1.45 3.09
C ILE A 36 2.99 -0.14 2.32
N TYR A 37 1.85 0.25 1.76
CA TYR A 37 1.79 1.42 0.88
C TYR A 37 1.13 2.60 1.58
N ASP A 38 1.95 3.52 2.07
CA ASP A 38 1.45 4.64 2.86
C ASP A 38 0.94 5.77 1.96
N ARG A 39 -0.37 5.95 1.95
CA ARG A 39 -0.98 7.02 1.15
C ARG A 39 -0.67 8.39 1.72
N LYS A 40 0.28 9.08 1.09
CA LYS A 40 0.69 10.42 1.53
C LYS A 40 -0.48 11.40 1.45
N PHE A 41 -1.13 11.43 0.29
CA PHE A 41 -2.22 12.38 0.05
C PHE A 41 -3.57 11.74 0.34
N LEU A 42 -4.64 12.44 -0.01
CA LEU A 42 -5.99 11.92 0.14
C LEU A 42 -6.48 11.30 -1.17
N LEU A 43 -5.54 10.97 -2.05
CA LEU A 43 -5.88 10.42 -3.35
C LEU A 43 -6.02 8.90 -3.28
N ASP A 44 -7.26 8.43 -3.07
CA ASP A 44 -7.53 7.01 -2.98
C ASP A 44 -7.85 6.42 -4.35
N ARG A 45 -8.23 5.15 -4.36
CA ARG A 45 -8.59 4.46 -5.61
C ARG A 45 -9.86 5.04 -6.21
N PRO A 1 8.76 -9.89 6.62
CA PRO A 1 9.32 -8.55 6.73
C PRO A 1 8.34 -7.49 6.23
N THR A 2 8.51 -6.27 6.71
CA THR A 2 7.63 -5.18 6.32
C THR A 2 8.40 -4.10 5.56
N ARG A 3 7.88 -3.73 4.40
CA ARG A 3 8.50 -2.69 3.58
C ARG A 3 7.61 -1.45 3.49
N THR A 4 8.17 -0.30 3.85
CA THR A 4 7.41 0.95 3.84
C THR A 4 7.59 1.69 2.52
N VAL A 5 6.51 1.83 1.77
CA VAL A 5 6.53 2.57 0.52
C VAL A 5 5.48 3.67 0.51
N ALA A 6 5.92 4.90 0.25
CA ALA A 6 5.00 6.02 0.12
C ALA A 6 4.51 6.17 -1.32
N ILE A 7 3.22 6.47 -1.47
CA ILE A 7 2.61 6.53 -2.79
C ILE A 7 1.83 7.83 -2.98
N SER A 8 1.57 8.19 -4.23
CA SER A 8 0.80 9.39 -4.54
C SER A 8 -0.67 9.05 -4.78
N ASP A 9 -0.92 7.81 -5.18
CA ASP A 9 -2.28 7.34 -5.41
C ASP A 9 -2.33 5.82 -5.55
N ALA A 10 -3.48 5.25 -5.24
CA ALA A 10 -3.68 3.81 -5.39
C ALA A 10 -4.20 3.46 -6.78
N ALA A 11 -4.70 4.48 -7.49
CA ALA A 11 -5.20 4.29 -8.85
C ALA A 11 -4.08 3.89 -9.79
N GLN A 12 -2.86 4.24 -9.43
CA GLN A 12 -1.69 3.94 -10.26
C GLN A 12 -1.09 2.59 -9.90
N LEU A 13 -1.70 1.92 -8.93
CA LEU A 13 -1.22 0.62 -8.48
C LEU A 13 -2.14 -0.51 -8.92
N PRO A 14 -1.59 -1.71 -9.03
CA PRO A 14 -2.39 -2.90 -9.33
C PRO A 14 -3.57 -3.01 -8.38
N HIS A 15 -4.69 -3.50 -8.88
CA HIS A 15 -5.94 -3.49 -8.14
C HIS A 15 -6.16 -4.82 -7.40
N ASP A 16 -5.20 -5.72 -7.53
CA ASP A 16 -5.20 -6.96 -6.76
C ASP A 16 -4.57 -6.77 -5.39
N TYR A 17 -4.23 -5.52 -5.08
CA TYR A 17 -3.77 -5.16 -3.74
C TYR A 17 -4.92 -5.23 -2.74
N CYS A 18 -4.56 -5.34 -1.46
CA CYS A 18 -5.55 -5.47 -0.40
C CYS A 18 -5.52 -4.27 0.54
N THR A 19 -6.62 -4.04 1.24
CA THR A 19 -6.75 -2.88 2.12
C THR A 19 -7.24 -3.29 3.51
N PRO A 21 -8.78 -2.63 7.46
CA PRO A 21 -9.96 -1.95 7.98
C PRO A 21 -9.68 -0.48 8.22
N GLY A 22 -8.43 -0.17 8.57
CA GLY A 22 -8.02 1.21 8.81
C GLY A 22 -8.04 2.02 7.53
N GLY A 23 -7.83 1.36 6.40
CA GLY A 23 -7.92 2.00 5.09
C GLY A 23 -6.54 2.20 4.48
N THR A 24 -5.63 1.27 4.76
CA THR A 24 -4.28 1.34 4.22
C THR A 24 -4.05 0.23 3.19
N LEU A 25 -3.54 0.61 2.02
CA LEU A 25 -3.24 -0.36 0.97
C LEU A 25 -1.97 -1.13 1.28
N PHE A 26 -1.98 -2.42 0.96
CA PHE A 26 -0.79 -3.25 1.10
C PHE A 26 -0.79 -4.39 0.08
N SER A 27 0.37 -5.01 -0.11
CA SER A 27 0.48 -6.18 -0.96
C SER A 27 1.67 -7.05 -0.55
N THR A 28 1.53 -8.36 -0.73
CA THR A 28 2.60 -9.29 -0.38
C THR A 28 3.15 -9.99 -1.61
N PRO A 30 5.77 -12.71 -3.77
CA PRO A 30 6.03 -14.13 -3.70
C PRO A 30 7.15 -14.43 -2.70
N GLY A 31 8.07 -13.48 -2.55
CA GLY A 31 9.20 -13.64 -1.63
C GLY A 31 8.71 -13.72 -0.19
N GLY A 32 7.55 -13.11 0.07
CA GLY A 32 6.95 -13.17 1.40
C GLY A 32 6.95 -11.80 2.07
N THR A 33 7.63 -10.84 1.43
CA THR A 33 7.70 -9.48 1.96
C THR A 33 6.36 -8.77 1.84
N ARG A 34 5.92 -8.17 2.95
CA ARG A 34 4.68 -7.41 2.97
C ARG A 34 4.95 -5.91 2.81
N ILE A 35 4.47 -5.35 1.71
CA ILE A 35 4.69 -3.94 1.42
C ILE A 35 3.49 -3.10 1.84
N ILE A 36 3.73 -2.12 2.71
CA ILE A 36 2.68 -1.22 3.14
C ILE A 36 2.74 0.11 2.39
N TYR A 37 1.63 0.49 1.79
CA TYR A 37 1.59 1.66 0.90
C TYR A 37 0.96 2.86 1.61
N ASP A 38 1.80 3.82 1.98
CA ASP A 38 1.34 5.00 2.70
C ASP A 38 0.93 6.11 1.74
N ARG A 39 -0.35 6.45 1.74
CA ARG A 39 -0.86 7.50 0.88
C ARG A 39 -0.38 8.87 1.33
N LYS A 40 0.46 9.50 0.51
CA LYS A 40 1.04 10.80 0.84
C LYS A 40 -0.06 11.84 1.05
N PHE A 41 -1.17 11.68 0.34
CA PHE A 41 -2.25 12.66 0.36
C PHE A 41 -3.44 12.14 1.15
N LEU A 42 -3.17 11.25 2.10
CA LEU A 42 -4.23 10.69 2.95
C LEU A 42 -4.94 11.78 3.73
N LEU A 43 -6.26 11.87 3.52
CA LEU A 43 -7.07 12.86 4.22
C LEU A 43 -7.62 12.30 5.52
N ASP A 44 -7.54 10.98 5.68
CA ASP A 44 -8.01 10.32 6.90
C ASP A 44 -6.95 10.34 7.98
N ARG A 45 -7.01 11.34 8.85
CA ARG A 45 -6.06 11.46 9.95
C ARG A 45 -6.28 10.37 10.99
N PRO A 1 8.53 -9.77 7.75
CA PRO A 1 9.16 -8.93 6.73
C PRO A 1 8.22 -7.84 6.26
N THR A 2 8.56 -6.58 6.57
CA THR A 2 7.73 -5.45 6.20
C THR A 2 8.54 -4.39 5.46
N ARG A 3 8.01 -3.93 4.33
CA ARG A 3 8.67 -2.90 3.54
C ARG A 3 7.82 -1.65 3.45
N THR A 4 8.42 -0.50 3.76
CA THR A 4 7.72 0.77 3.72
C THR A 4 7.92 1.48 2.39
N VAL A 5 6.84 1.66 1.64
CA VAL A 5 6.89 2.39 0.38
C VAL A 5 5.88 3.52 0.36
N ALA A 6 6.37 4.73 0.09
CA ALA A 6 5.49 5.90 -0.02
C ALA A 6 4.96 6.04 -1.45
N ILE A 7 3.69 6.41 -1.56
CA ILE A 7 3.06 6.59 -2.85
C ILE A 7 2.28 7.90 -2.92
N SER A 8 1.83 8.26 -4.12
CA SER A 8 1.09 9.50 -4.32
C SER A 8 -0.42 9.26 -4.32
N ASP A 9 -0.81 8.06 -4.70
CA ASP A 9 -2.23 7.67 -4.67
C ASP A 9 -2.38 6.18 -4.90
N ALA A 10 -3.49 5.63 -4.41
CA ALA A 10 -3.79 4.21 -4.58
C ALA A 10 -4.37 3.95 -5.96
N ALA A 11 -4.93 4.97 -6.58
CA ALA A 11 -5.47 4.86 -7.94
C ALA A 11 -4.36 4.58 -8.94
N GLN A 12 -3.13 4.93 -8.57
CA GLN A 12 -1.99 4.74 -9.46
C GLN A 12 -1.35 3.36 -9.26
N LEU A 13 -1.88 2.61 -8.30
CA LEU A 13 -1.35 1.30 -7.99
C LEU A 13 -2.30 0.19 -8.45
N PRO A 14 -1.74 -1.00 -8.67
CA PRO A 14 -2.55 -2.16 -9.05
C PRO A 14 -3.71 -2.37 -8.08
N HIS A 15 -4.84 -2.82 -8.62
CA HIS A 15 -6.08 -2.87 -7.85
C HIS A 15 -6.29 -4.26 -7.24
N ASP A 16 -5.35 -5.16 -7.49
CA ASP A 16 -5.33 -6.46 -6.84
C ASP A 16 -4.63 -6.39 -5.49
N TYR A 17 -4.23 -5.19 -5.10
CA TYR A 17 -3.71 -4.94 -3.76
C TYR A 17 -4.83 -4.96 -2.72
N CYS A 18 -4.45 -5.10 -1.46
CA CYS A 18 -5.42 -5.22 -0.38
C CYS A 18 -5.34 -4.03 0.57
N THR A 19 -6.49 -3.64 1.11
CA THR A 19 -6.56 -2.49 2.01
C THR A 19 -7.07 -2.89 3.38
N PRO A 21 -8.59 -2.23 7.36
CA PRO A 21 -9.72 -1.48 7.88
C PRO A 21 -9.35 -0.03 8.15
N GLY A 22 -8.07 0.20 8.49
CA GLY A 22 -7.58 1.54 8.76
C GLY A 22 -7.55 2.39 7.49
N GLY A 23 -7.43 1.72 6.34
CA GLY A 23 -7.46 2.40 5.06
C GLY A 23 -6.07 2.54 4.46
N THR A 24 -5.23 1.53 4.71
CA THR A 24 -3.88 1.53 4.16
C THR A 24 -3.70 0.40 3.15
N LEU A 25 -3.22 0.75 1.97
CA LEU A 25 -2.97 -0.23 0.91
C LEU A 25 -1.70 -1.03 1.20
N PHE A 26 -1.74 -2.32 0.90
CA PHE A 26 -0.56 -3.17 1.03
C PHE A 26 -0.60 -4.31 0.01
N SER A 27 0.56 -4.92 -0.23
CA SER A 27 0.64 -6.09 -1.09
C SER A 27 1.79 -7.00 -0.67
N THR A 28 1.60 -8.30 -0.86
CA THR A 28 2.59 -9.29 -0.43
C THR A 28 3.21 -10.00 -1.63
N PRO A 30 5.81 -12.86 -3.58
CA PRO A 30 6.00 -14.30 -3.48
C PRO A 30 7.02 -14.66 -2.41
N GLY A 31 7.98 -13.76 -2.20
CA GLY A 31 9.02 -13.97 -1.19
C GLY A 31 8.43 -14.01 0.21
N GLY A 32 7.31 -13.35 0.39
CA GLY A 32 6.61 -13.35 1.68
C GLY A 32 6.61 -11.97 2.31
N THR A 33 7.44 -11.08 1.78
CA THR A 33 7.55 -9.72 2.30
C THR A 33 6.26 -8.93 2.03
N ARG A 34 5.74 -8.30 3.07
CA ARG A 34 4.56 -7.44 2.94
C ARG A 34 4.96 -5.99 2.76
N ILE A 35 4.56 -5.39 1.64
CA ILE A 35 4.84 -3.99 1.37
C ILE A 35 3.68 -3.09 1.79
N ILE A 36 3.95 -2.19 2.73
CA ILE A 36 2.92 -1.24 3.17
C ILE A 36 3.04 0.08 2.44
N TYR A 37 1.95 0.47 1.78
CA TYR A 37 1.97 1.66 0.92
C TYR A 37 1.38 2.87 1.64
N ASP A 38 2.20 3.89 1.82
CA ASP A 38 1.76 5.13 2.46
C ASP A 38 1.09 6.06 1.45
N ARG A 39 -0.23 6.12 1.49
CA ARG A 39 -1.01 6.81 0.48
C ARG A 39 -0.85 8.32 0.61
N LYS A 40 -0.45 8.97 -0.49
CA LYS A 40 -0.31 10.42 -0.53
C LYS A 40 0.71 10.89 0.50
N PHE A 41 1.83 10.18 0.59
CA PHE A 41 2.92 10.58 1.47
C PHE A 41 4.25 10.57 0.71
N LEU A 42 4.19 10.26 -0.58
CA LEU A 42 5.36 10.37 -1.44
C LEU A 42 5.79 11.81 -1.63
N LEU A 43 7.04 12.11 -1.26
CA LEU A 43 7.58 13.45 -1.39
C LEU A 43 8.12 13.70 -2.79
N ASP A 44 8.43 12.62 -3.50
CA ASP A 44 8.93 12.72 -4.87
C ASP A 44 7.83 13.17 -5.82
N ARG A 45 8.19 13.96 -6.82
CA ARG A 45 7.24 14.46 -7.80
C ARG A 45 6.92 13.41 -8.84
#